data_5UHL
#
_entry.id   5UHL
#
_cell.length_a   98.200
_cell.length_b   98.200
_cell.length_c   261.430
_cell.angle_alpha   90.00
_cell.angle_beta   90.00
_cell.angle_gamma   90.00
#
_symmetry.space_group_name_H-M   'P 41 21 2'
#
loop_
_entity.id
_entity.type
_entity.pdbx_description
1 polymer 'O-GlcNAcase TIM-barrel domain'
2 polymer 'O-GlcNAcase stalk domain'
3 non-polymer (2Z,3aR,5R,6S,7R,7aR)-2-(ethylimino)-5-(hydroxymethyl)hexahydro-3aH-pyrano[3,2-d][1,3]thiazole-6,7-diol
4 water water
#
loop_
_entity_poly.entity_id
_entity_poly.type
_entity_poly.pdbx_seq_one_letter_code
_entity_poly.pdbx_strand_id
1 'polypeptide(L)'
;GARRFLCGVVEGFYGRPWVMEQRKELFRRLQKWELNTYLYAPKDDYKHRMFWREMYSVEEAEQLMTLISAAREYEIEFIY
AISPGLDITFSNPKEVSTLKRKLDQVSQFGCRSFALLFDDIDHNMCAADKEVFSSFAHAQVSITNEIYQYLGEPETFLFC
PTEYCGTFCYPNVSQSPYLRTVGEKLLPGIEVLWTGPKVVSKEIPVESIEEVSKIIKRAPVIWDNIHANDYDQKRLFLGP
YKGRSTELIPRLKGVLTNPNCEFEANYVAIHTLATWYKSNMNGVRKDVVMTDSEDSTVSIQIKLENEGSDEDIETDVLYS
PQMALKLALTEWLQEFGVPHQYSSR
;
A,C
2 'polypeptide(L)'
;MEKPLYTAEPVTLEDLQLLADLFYLPYEHGPKGAQMLREFQWLRANSSVVSVNCKGKDSEKIEEWRSRAAKFEEMCGLVM
GMFTRLSNCANRTILYDMYSYVWDIKSIMSMVKSFVQWLGCRSHSSAQFLIGDQEPWAFRGGLAGEFQRLLPIDGANDLF
FQP
;
B,D
#
# COMPACT_ATOMS: atom_id res chain seq x y z
N ARG A 3 -39.47 -5.80 11.43
CA ARG A 3 -38.84 -7.12 11.62
C ARG A 3 -37.34 -7.01 11.90
N ARG A 4 -36.61 -8.15 11.97
CA ARG A 4 -35.17 -8.15 12.24
C ARG A 4 -34.36 -8.34 10.96
N PHE A 5 -33.53 -7.33 10.63
CA PHE A 5 -32.65 -7.32 9.45
C PHE A 5 -31.28 -6.78 9.80
N LEU A 6 -30.24 -7.60 9.58
CA LEU A 6 -28.85 -7.25 9.88
C LEU A 6 -28.23 -6.55 8.70
N CYS A 7 -28.00 -5.25 8.84
CA CYS A 7 -27.39 -4.58 7.71
C CYS A 7 -26.24 -3.69 8.10
N GLY A 8 -25.09 -4.01 7.49
CA GLY A 8 -23.85 -3.28 7.70
C GLY A 8 -22.65 -3.87 6.99
N VAL A 9 -21.49 -3.73 7.64
CA VAL A 9 -20.17 -4.15 7.20
C VAL A 9 -19.65 -5.31 8.03
N VAL A 10 -18.95 -6.22 7.36
CA VAL A 10 -18.25 -7.31 7.99
C VAL A 10 -16.80 -6.99 7.73
N GLU A 11 -15.99 -6.84 8.77
CA GLU A 11 -14.58 -6.61 8.53
C GLU A 11 -13.95 -8.01 8.47
N GLY A 12 -14.18 -8.76 7.40
CA GLY A 12 -13.67 -10.11 7.28
C GLY A 12 -12.63 -10.43 6.22
N PHE A 13 -11.74 -9.49 5.87
CA PHE A 13 -10.74 -9.70 4.81
C PHE A 13 -9.39 -10.23 5.24
N TYR A 14 -8.54 -10.49 4.26
CA TYR A 14 -7.18 -10.91 4.61
C TYR A 14 -6.35 -9.63 4.57
N GLY A 15 -5.23 -9.65 5.25
CA GLY A 15 -4.34 -8.49 5.25
C GLY A 15 -4.42 -7.70 6.53
N ARG A 16 -3.81 -6.49 6.49
CA ARG A 16 -3.71 -5.56 7.60
C ARG A 16 -5.09 -5.16 8.06
N PRO A 17 -5.49 -5.58 9.28
CA PRO A 17 -6.86 -5.24 9.77
C PRO A 17 -7.08 -3.76 10.12
N TRP A 18 -8.31 -3.40 10.45
CA TRP A 18 -8.56 -2.00 10.78
C TRP A 18 -8.19 -1.66 12.24
N VAL A 19 -7.71 -0.43 12.51
CA VAL A 19 -7.40 0.02 13.88
C VAL A 19 -8.69 0.50 14.59
N MET A 20 -8.63 0.71 15.93
CA MET A 20 -9.81 1.14 16.71
C MET A 20 -10.34 2.50 16.27
N GLU A 21 -9.45 3.44 15.94
CA GLU A 21 -9.83 4.76 15.48
C GLU A 21 -10.71 4.62 14.24
N GLN A 22 -10.25 3.81 13.26
CA GLN A 22 -10.93 3.52 12.00
C GLN A 22 -12.26 2.86 12.29
N ARG A 23 -12.26 1.88 13.23
CA ARG A 23 -13.45 1.12 13.63
C ARG A 23 -14.52 2.02 14.23
N LYS A 24 -14.16 2.92 15.15
CA LYS A 24 -15.12 3.85 15.78
C LYS A 24 -15.77 4.73 14.73
N GLU A 25 -14.98 5.13 13.71
CA GLU A 25 -15.44 5.91 12.57
C GLU A 25 -16.45 5.10 11.74
N LEU A 26 -16.16 3.81 11.50
CA LEU A 26 -17.08 2.97 10.75
C LEU A 26 -18.49 3.04 11.39
N PHE A 27 -18.58 2.91 12.76
CA PHE A 27 -19.80 2.95 13.57
C PHE A 27 -20.54 4.27 13.36
N ARG A 28 -19.79 5.39 13.44
CA ARG A 28 -20.27 6.76 13.24
C ARG A 28 -20.98 6.90 11.90
N ARG A 29 -20.36 6.32 10.81
CA ARG A 29 -20.86 6.32 9.42
C ARG A 29 -22.02 5.37 9.32
N LEU A 30 -21.89 4.14 9.88
CA LEU A 30 -22.91 3.09 9.89
C LEU A 30 -24.20 3.65 10.47
N GLN A 31 -24.09 4.39 11.62
CA GLN A 31 -25.22 5.04 12.30
C GLN A 31 -25.85 6.13 11.40
N LYS A 32 -25.07 7.15 10.98
CA LYS A 32 -25.48 8.26 10.12
C LYS A 32 -26.36 7.79 8.95
N TRP A 33 -25.96 6.67 8.31
CA TRP A 33 -26.66 6.13 7.17
C TRP A 33 -27.72 5.13 7.48
N GLU A 34 -28.07 4.98 8.76
CA GLU A 34 -29.11 4.09 9.27
C GLU A 34 -28.84 2.58 9.10
N LEU A 35 -27.58 2.16 9.16
CA LEU A 35 -27.20 0.75 9.12
C LEU A 35 -27.15 0.29 10.61
N ASN A 36 -27.14 -1.03 10.86
CA ASN A 36 -27.24 -1.48 12.25
C ASN A 36 -26.22 -2.52 12.77
N THR A 37 -25.37 -3.11 11.90
CA THR A 37 -24.46 -4.16 12.37
C THR A 37 -23.02 -4.05 11.90
N TYR A 38 -22.08 -4.54 12.76
CA TYR A 38 -20.65 -4.66 12.52
C TYR A 38 -20.18 -6.07 12.93
N LEU A 39 -19.72 -6.89 11.98
CA LEU A 39 -19.21 -8.24 12.26
C LEU A 39 -17.69 -8.18 12.30
N TYR A 40 -17.14 -8.34 13.51
CA TYR A 40 -15.70 -8.34 13.74
C TYR A 40 -15.14 -9.71 13.33
N ALA A 41 -14.46 -9.81 12.17
CA ALA A 41 -13.90 -11.08 11.72
C ALA A 41 -12.58 -10.96 10.88
N PRO A 42 -11.59 -10.10 11.28
CA PRO A 42 -10.36 -9.99 10.48
C PRO A 42 -9.54 -11.28 10.52
N LYS A 43 -9.42 -11.95 9.34
CA LYS A 43 -8.73 -13.23 9.16
C LYS A 43 -7.32 -13.23 9.76
N ASP A 44 -6.63 -12.08 9.62
CA ASP A 44 -5.26 -11.87 10.07
C ASP A 44 -5.11 -11.49 11.57
N ASP A 45 -6.15 -11.63 12.39
CA ASP A 45 -5.96 -11.38 13.81
C ASP A 45 -5.62 -12.76 14.32
N TYR A 46 -4.45 -12.88 15.01
CA TYR A 46 -3.97 -14.15 15.56
C TYR A 46 -5.01 -14.75 16.49
N LYS A 47 -5.50 -13.92 17.44
CA LYS A 47 -6.52 -14.29 18.40
C LYS A 47 -7.85 -14.65 17.79
N HIS A 48 -8.15 -14.20 16.56
CA HIS A 48 -9.41 -14.51 15.88
C HIS A 48 -9.45 -15.87 15.16
N ARG A 49 -8.36 -16.24 14.43
CA ARG A 49 -8.40 -17.47 13.66
C ARG A 49 -7.32 -18.48 13.99
N MET A 50 -6.05 -18.20 13.57
CA MET A 50 -4.88 -19.08 13.72
C MET A 50 -4.63 -19.51 15.17
N PHE A 51 -4.49 -18.49 16.04
CA PHE A 51 -4.26 -18.66 17.46
C PHE A 51 -5.55 -18.25 18.19
N TRP A 52 -6.67 -18.92 17.87
CA TRP A 52 -8.00 -18.67 18.44
C TRP A 52 -8.13 -18.94 19.93
N ARG A 53 -7.31 -19.86 20.47
CA ARG A 53 -7.26 -20.29 21.87
C ARG A 53 -6.83 -19.21 22.84
N GLU A 54 -5.87 -18.38 22.43
CA GLU A 54 -5.28 -17.25 23.18
C GLU A 54 -6.28 -16.24 23.75
N MET A 55 -6.10 -15.81 24.99
CA MET A 55 -6.97 -14.81 25.62
C MET A 55 -6.36 -13.43 25.43
N TYR A 56 -7.19 -12.40 25.39
CA TYR A 56 -6.76 -10.99 25.22
C TYR A 56 -6.11 -10.38 26.46
N SER A 57 -4.89 -9.85 26.30
CA SER A 57 -4.14 -9.19 27.37
C SER A 57 -4.86 -7.93 27.86
N VAL A 58 -4.41 -7.36 28.99
CA VAL A 58 -4.94 -6.15 29.66
C VAL A 58 -5.33 -5.00 28.70
N GLU A 59 -4.45 -4.66 27.73
CA GLU A 59 -4.64 -3.60 26.74
C GLU A 59 -5.56 -4.13 25.64
N GLU A 60 -5.32 -5.39 25.16
CA GLU A 60 -6.12 -6.05 24.11
C GLU A 60 -7.58 -6.03 24.55
N ALA A 61 -7.80 -6.42 25.81
CA ALA A 61 -9.09 -6.45 26.48
C ALA A 61 -9.60 -5.02 26.62
N GLU A 62 -8.71 -4.08 27.00
CA GLU A 62 -9.07 -2.70 27.20
C GLU A 62 -9.63 -2.08 25.92
N GLN A 63 -8.96 -2.30 24.77
CA GLN A 63 -9.34 -1.73 23.47
C GLN A 63 -10.63 -2.32 22.93
N LEU A 64 -10.85 -3.63 23.11
CA LEU A 64 -12.07 -4.32 22.65
C LEU A 64 -13.29 -3.82 23.44
N MET A 65 -13.08 -3.57 24.77
CA MET A 65 -14.07 -3.06 25.71
C MET A 65 -14.54 -1.73 25.21
N THR A 66 -13.57 -0.84 24.91
CA THR A 66 -13.77 0.50 24.38
C THR A 66 -14.61 0.41 23.10
N LEU A 67 -14.07 -0.33 22.10
CA LEU A 67 -14.71 -0.57 20.81
C LEU A 67 -16.17 -1.01 20.99
N ILE A 68 -16.43 -2.10 21.77
CA ILE A 68 -17.77 -2.64 22.06
C ILE A 68 -18.72 -1.56 22.70
N SER A 69 -18.13 -0.69 23.54
CA SER A 69 -18.87 0.40 24.17
C SER A 69 -19.28 1.45 23.11
N ALA A 70 -18.37 1.73 22.12
CA ALA A 70 -18.61 2.68 21.03
C ALA A 70 -19.74 2.14 20.14
N ALA A 71 -19.74 0.82 19.89
CA ALA A 71 -20.77 0.18 19.10
C ALA A 71 -22.15 0.44 19.74
N ARG A 72 -22.24 0.29 21.06
CA ARG A 72 -23.46 0.51 21.84
C ARG A 72 -23.88 1.97 21.68
N GLU A 73 -22.91 2.87 21.88
CA GLU A 73 -23.05 4.32 21.83
C GLU A 73 -23.58 4.86 20.50
N TYR A 74 -23.36 4.14 19.39
CA TYR A 74 -23.81 4.54 18.07
C TYR A 74 -24.92 3.64 17.55
N GLU A 75 -25.56 2.89 18.44
CA GLU A 75 -26.63 1.93 18.13
C GLU A 75 -26.24 1.06 16.95
N ILE A 76 -25.07 0.40 17.04
CA ILE A 76 -24.58 -0.51 16.02
C ILE A 76 -24.39 -1.83 16.76
N GLU A 77 -24.99 -2.92 16.26
CA GLU A 77 -24.85 -4.22 16.88
C GLU A 77 -23.46 -4.76 16.52
N PHE A 78 -22.64 -5.07 17.53
CA PHE A 78 -21.31 -5.61 17.37
C PHE A 78 -21.41 -7.13 17.47
N ILE A 79 -20.79 -7.84 16.53
CA ILE A 79 -20.81 -9.29 16.52
C ILE A 79 -19.39 -9.78 16.54
N TYR A 80 -19.05 -10.56 17.55
CA TYR A 80 -17.70 -11.09 17.65
C TYR A 80 -17.67 -12.45 17.02
N ALA A 81 -16.91 -12.58 15.95
CA ALA A 81 -16.75 -13.83 15.25
C ALA A 81 -15.44 -14.50 15.69
N ILE A 82 -15.36 -15.82 15.57
CA ILE A 82 -14.18 -16.61 15.92
C ILE A 82 -14.12 -17.83 15.01
N SER A 83 -12.92 -18.06 14.44
CA SER A 83 -12.62 -19.14 13.48
C SER A 83 -11.72 -20.21 14.11
N PRO A 84 -12.29 -21.23 14.81
CA PRO A 84 -11.44 -22.26 15.40
C PRO A 84 -11.02 -23.36 14.43
N GLY A 85 -11.83 -23.60 13.41
CA GLY A 85 -11.71 -24.62 12.36
C GLY A 85 -10.37 -25.12 11.84
N LEU A 86 -9.29 -24.35 12.02
CA LEU A 86 -7.99 -24.75 11.52
C LEU A 86 -7.39 -25.95 12.27
N ASP A 87 -7.03 -25.79 13.54
CA ASP A 87 -6.40 -26.81 14.38
C ASP A 87 -7.27 -27.37 15.51
N ILE A 88 -8.56 -27.02 15.56
CA ILE A 88 -9.48 -27.50 16.61
C ILE A 88 -9.77 -29.01 16.55
N THR A 89 -9.89 -29.63 17.75
CA THR A 89 -10.28 -31.04 17.92
C THR A 89 -11.67 -30.98 18.57
N PHE A 90 -12.70 -31.15 17.72
CA PHE A 90 -14.13 -31.09 18.01
C PHE A 90 -14.60 -31.97 19.16
N SER A 91 -14.17 -33.26 19.16
CA SER A 91 -14.52 -34.28 20.13
C SER A 91 -13.85 -34.08 21.50
N ASN A 92 -12.69 -33.39 21.55
CA ASN A 92 -11.97 -33.09 22.79
C ASN A 92 -12.75 -32.00 23.55
N PRO A 93 -13.16 -32.26 24.82
CA PRO A 93 -13.92 -31.24 25.57
C PRO A 93 -13.05 -30.11 26.11
N LYS A 94 -11.71 -30.32 26.19
CA LYS A 94 -10.76 -29.30 26.66
C LYS A 94 -10.84 -28.12 25.67
N GLU A 95 -10.96 -28.46 24.37
CA GLU A 95 -11.10 -27.56 23.24
C GLU A 95 -12.39 -26.73 23.42
N VAL A 96 -13.53 -27.43 23.55
CA VAL A 96 -14.85 -26.84 23.76
C VAL A 96 -14.84 -25.83 24.92
N SER A 97 -14.14 -26.17 26.01
CA SER A 97 -14.01 -25.35 27.20
C SER A 97 -13.12 -24.13 26.97
N THR A 98 -12.03 -24.31 26.16
CA THR A 98 -11.09 -23.25 25.76
C THR A 98 -11.89 -22.21 24.94
N LEU A 99 -12.78 -22.72 24.02
CA LEU A 99 -13.63 -21.87 23.20
C LEU A 99 -14.56 -21.10 24.14
N LYS A 100 -15.30 -21.84 25.02
CA LYS A 100 -16.25 -21.33 26.03
C LYS A 100 -15.63 -20.20 26.85
N ARG A 101 -14.39 -20.45 27.36
CA ARG A 101 -13.56 -19.56 28.18
C ARG A 101 -13.13 -18.30 27.44
N LYS A 102 -12.84 -18.47 26.11
CA LYS A 102 -12.42 -17.41 25.19
C LYS A 102 -13.57 -16.46 24.92
N LEU A 103 -14.76 -17.02 24.58
CA LEU A 103 -15.96 -16.23 24.33
C LEU A 103 -16.45 -15.55 25.61
N ASP A 104 -16.21 -16.19 26.78
CA ASP A 104 -16.60 -15.63 28.08
C ASP A 104 -15.92 -14.31 28.36
N GLN A 105 -14.62 -14.25 28.03
CA GLN A 105 -13.78 -13.06 28.17
C GLN A 105 -14.34 -11.90 27.34
N VAL A 106 -14.81 -12.23 26.11
CA VAL A 106 -15.37 -11.26 25.16
C VAL A 106 -16.69 -10.77 25.70
N SER A 107 -17.51 -11.69 26.25
CA SER A 107 -18.79 -11.35 26.86
C SER A 107 -18.57 -10.30 27.96
N GLN A 108 -17.48 -10.48 28.76
CA GLN A 108 -17.11 -9.57 29.83
C GLN A 108 -16.65 -8.17 29.31
N PHE A 109 -16.40 -8.04 27.99
CA PHE A 109 -16.03 -6.73 27.42
C PHE A 109 -17.29 -5.94 27.03
N GLY A 110 -18.43 -6.63 27.00
CA GLY A 110 -19.71 -6.04 26.66
C GLY A 110 -20.49 -6.75 25.57
N CYS A 111 -19.80 -7.58 24.77
CA CYS A 111 -20.37 -8.33 23.64
C CYS A 111 -21.49 -9.30 24.04
N ARG A 112 -22.59 -9.28 23.26
CA ARG A 112 -23.76 -10.15 23.46
C ARG A 112 -24.18 -10.82 22.14
N SER A 113 -23.42 -10.60 21.05
CA SER A 113 -23.67 -11.14 19.70
C SER A 113 -22.44 -11.91 19.25
N PHE A 114 -22.61 -13.17 18.79
CA PHE A 114 -21.46 -13.98 18.41
C PHE A 114 -21.63 -14.70 17.09
N ALA A 115 -20.49 -15.12 16.52
CA ALA A 115 -20.43 -15.85 15.27
C ALA A 115 -19.35 -16.92 15.33
N LEU A 116 -19.60 -18.05 14.69
CA LEU A 116 -18.66 -19.16 14.61
C LEU A 116 -18.41 -19.40 13.15
N LEU A 117 -17.14 -19.29 12.73
CA LEU A 117 -16.82 -19.44 11.32
C LEU A 117 -15.96 -20.66 10.97
N PHE A 118 -16.43 -21.44 9.98
CA PHE A 118 -15.76 -22.63 9.47
C PHE A 118 -15.56 -22.48 7.97
N ASP A 119 -15.11 -21.28 7.55
CA ASP A 119 -14.88 -20.97 6.14
C ASP A 119 -13.39 -21.04 5.81
N ASP A 120 -13.05 -21.33 4.55
CA ASP A 120 -11.67 -21.38 4.06
C ASP A 120 -10.82 -22.42 4.85
N ILE A 121 -11.44 -23.57 5.20
CA ILE A 121 -10.81 -24.66 5.94
C ILE A 121 -11.10 -26.02 5.28
N ASP A 122 -10.08 -26.90 5.25
CA ASP A 122 -10.11 -28.25 4.68
C ASP A 122 -11.29 -29.10 5.21
N HIS A 123 -11.90 -29.89 4.31
CA HIS A 123 -13.06 -30.73 4.66
C HIS A 123 -12.77 -31.98 5.54
N ASN A 124 -11.50 -32.44 5.60
CA ASN A 124 -11.12 -33.65 6.36
C ASN A 124 -10.92 -33.44 7.85
N MET A 125 -11.60 -34.29 8.67
CA MET A 125 -11.53 -34.30 10.15
C MET A 125 -10.43 -35.26 10.58
N CYS A 126 -9.91 -35.11 11.84
CA CYS A 126 -8.88 -36.01 12.39
C CYS A 126 -9.54 -37.34 12.82
N ALA A 127 -8.75 -38.35 13.28
CA ALA A 127 -9.27 -39.66 13.68
C ALA A 127 -10.32 -39.62 14.80
N ALA A 128 -10.02 -38.87 15.89
CA ALA A 128 -10.90 -38.69 17.05
C ALA A 128 -12.30 -38.17 16.63
N ASP A 129 -12.30 -37.12 15.78
CA ASP A 129 -13.50 -36.50 15.26
C ASP A 129 -14.18 -37.44 14.25
N LYS A 130 -13.38 -38.09 13.35
CA LYS A 130 -13.84 -39.04 12.31
C LYS A 130 -14.69 -40.18 12.88
N GLU A 131 -14.23 -40.75 14.04
CA GLU A 131 -14.89 -41.82 14.78
C GLU A 131 -16.22 -41.32 15.40
N VAL A 132 -16.12 -40.30 16.32
CA VAL A 132 -17.24 -39.64 17.04
C VAL A 132 -18.35 -39.09 16.10
N PHE A 133 -17.99 -38.18 15.17
CA PHE A 133 -18.93 -37.54 14.24
C PHE A 133 -19.02 -38.20 12.88
N SER A 134 -20.26 -38.34 12.40
CA SER A 134 -20.61 -38.95 11.12
C SER A 134 -20.07 -38.17 9.89
N SER A 135 -20.03 -36.81 9.96
CA SER A 135 -19.56 -35.90 8.90
C SER A 135 -18.91 -34.65 9.53
N PHE A 136 -18.21 -33.82 8.70
CA PHE A 136 -17.57 -32.55 9.11
C PHE A 136 -18.69 -31.57 9.52
N ALA A 137 -19.82 -31.62 8.78
CA ALA A 137 -21.03 -30.84 9.01
C ALA A 137 -21.55 -31.13 10.44
N HIS A 138 -21.61 -32.43 10.81
CA HIS A 138 -22.08 -32.93 12.11
C HIS A 138 -21.29 -32.35 13.27
N ALA A 139 -19.96 -32.36 13.14
CA ALA A 139 -19.00 -31.85 14.11
C ALA A 139 -19.18 -30.35 14.34
N GLN A 140 -19.35 -29.59 13.24
CA GLN A 140 -19.53 -28.14 13.30
C GLN A 140 -20.84 -27.85 13.96
N VAL A 141 -21.94 -28.50 13.48
CA VAL A 141 -23.31 -28.34 14.01
C VAL A 141 -23.36 -28.57 15.56
N SER A 142 -22.64 -29.61 16.04
CA SER A 142 -22.55 -30.00 17.44
C SER A 142 -21.95 -28.89 18.31
N ILE A 143 -20.70 -28.47 18.01
CA ILE A 143 -19.98 -27.43 18.76
C ILE A 143 -20.72 -26.08 18.70
N THR A 144 -21.22 -25.70 17.53
CA THR A 144 -21.95 -24.46 17.30
C THR A 144 -23.19 -24.43 18.19
N ASN A 145 -24.00 -25.52 18.16
CA ASN A 145 -25.22 -25.66 18.97
C ASN A 145 -24.88 -25.58 20.46
N GLU A 146 -23.78 -26.28 20.86
CA GLU A 146 -23.32 -26.28 22.25
C GLU A 146 -22.94 -24.86 22.70
N ILE A 147 -22.17 -24.14 21.87
CA ILE A 147 -21.73 -22.76 22.12
C ILE A 147 -22.93 -21.78 22.08
N TYR A 148 -23.98 -22.08 21.26
CA TYR A 148 -25.19 -21.24 21.16
C TYR A 148 -25.88 -21.20 22.52
N GLN A 149 -26.19 -22.41 23.05
CA GLN A 149 -26.84 -22.69 24.33
C GLN A 149 -25.97 -22.25 25.48
N TYR A 150 -24.65 -22.53 25.42
CA TYR A 150 -23.72 -22.10 26.47
C TYR A 150 -23.77 -20.59 26.69
N LEU A 151 -23.78 -19.82 25.57
CA LEU A 151 -23.84 -18.36 25.61
C LEU A 151 -25.21 -17.83 26.03
N GLY A 152 -26.12 -18.76 26.28
CA GLY A 152 -27.48 -18.46 26.71
C GLY A 152 -28.35 -18.01 25.57
N GLU A 153 -28.39 -18.87 24.52
CA GLU A 153 -29.13 -18.70 23.27
C GLU A 153 -29.28 -17.20 22.95
N PRO A 154 -28.17 -16.47 22.59
CA PRO A 154 -28.32 -15.01 22.38
C PRO A 154 -29.16 -14.66 21.18
N GLU A 155 -29.53 -13.36 21.11
CA GLU A 155 -30.36 -12.81 20.06
C GLU A 155 -29.70 -13.08 18.73
N THR A 156 -28.50 -12.54 18.54
CA THR A 156 -27.80 -12.69 17.28
C THR A 156 -26.62 -13.67 17.39
N PHE A 157 -26.78 -14.85 16.76
CA PHE A 157 -25.76 -15.89 16.68
C PHE A 157 -25.68 -16.30 15.22
N LEU A 158 -24.48 -16.11 14.63
CA LEU A 158 -24.17 -16.36 13.22
C LEU A 158 -23.22 -17.56 13.01
N PHE A 159 -23.49 -18.39 11.99
CA PHE A 159 -22.66 -19.57 11.67
C PHE A 159 -22.18 -19.48 10.22
N CYS A 160 -20.89 -19.72 9.99
CA CYS A 160 -20.42 -19.70 8.61
C CYS A 160 -20.01 -21.10 8.04
N PRO A 161 -20.79 -21.61 7.06
CA PRO A 161 -20.44 -22.90 6.46
C PRO A 161 -19.15 -22.89 5.65
N THR A 162 -18.60 -24.08 5.39
CA THR A 162 -17.39 -24.26 4.57
C THR A 162 -17.85 -24.11 3.13
N GLU A 163 -19.08 -24.58 2.86
CA GLU A 163 -19.74 -24.48 1.57
C GLU A 163 -20.61 -23.22 1.77
N TYR A 164 -19.94 -22.05 1.68
CA TYR A 164 -20.48 -20.71 1.90
C TYR A 164 -20.97 -19.98 0.63
N CYS A 165 -20.77 -20.60 -0.53
CA CYS A 165 -21.21 -20.00 -1.77
C CYS A 165 -21.56 -21.12 -2.71
N GLY A 166 -22.35 -20.84 -3.76
CA GLY A 166 -22.79 -21.84 -4.73
C GLY A 166 -21.70 -22.75 -5.26
N THR A 167 -20.65 -22.16 -5.90
CA THR A 167 -19.52 -22.88 -6.51
C THR A 167 -18.54 -23.45 -5.48
N PHE A 168 -19.07 -23.93 -4.35
CA PHE A 168 -18.35 -24.50 -3.22
C PHE A 168 -19.19 -25.61 -2.61
N CYS A 169 -20.38 -25.85 -3.20
CA CYS A 169 -21.31 -26.86 -2.74
C CYS A 169 -21.15 -28.17 -3.51
N TYR A 170 -20.81 -29.27 -2.80
CA TYR A 170 -20.63 -30.60 -3.39
C TYR A 170 -21.85 -31.50 -3.14
N PRO A 171 -22.37 -32.12 -4.22
CA PRO A 171 -21.99 -32.00 -5.63
C PRO A 171 -22.65 -30.81 -6.35
N ASN A 172 -23.62 -30.18 -5.65
CA ASN A 172 -24.42 -28.99 -6.01
C ASN A 172 -25.06 -28.41 -4.73
N VAL A 173 -25.73 -27.26 -4.86
CA VAL A 173 -26.39 -26.55 -3.75
C VAL A 173 -27.46 -27.42 -3.03
N SER A 174 -28.54 -27.80 -3.74
CA SER A 174 -29.69 -28.58 -3.24
C SER A 174 -29.37 -30.02 -2.83
N GLN A 175 -28.36 -30.65 -3.46
CA GLN A 175 -27.97 -32.03 -3.17
C GLN A 175 -26.73 -32.14 -2.26
N SER A 176 -26.43 -31.10 -1.47
CA SER A 176 -25.27 -31.14 -0.58
C SER A 176 -25.55 -31.76 0.79
N PRO A 177 -24.83 -32.88 1.12
CA PRO A 177 -25.03 -33.51 2.43
C PRO A 177 -24.55 -32.61 3.56
N TYR A 178 -23.52 -31.77 3.30
CA TYR A 178 -22.97 -30.79 4.25
C TYR A 178 -24.08 -29.80 4.65
N LEU A 179 -24.63 -29.08 3.66
CA LEU A 179 -25.70 -28.11 3.85
C LEU A 179 -26.98 -28.76 4.36
N ARG A 180 -27.20 -30.06 4.03
CA ARG A 180 -28.39 -30.79 4.49
C ARG A 180 -28.31 -30.97 6.01
N THR A 181 -27.15 -31.52 6.49
CA THR A 181 -26.85 -31.76 7.91
C THR A 181 -27.06 -30.44 8.71
N VAL A 182 -26.54 -29.32 8.16
CA VAL A 182 -26.63 -27.97 8.72
C VAL A 182 -28.11 -27.60 8.75
N GLY A 183 -28.77 -27.71 7.61
CA GLY A 183 -30.19 -27.39 7.43
C GLY A 183 -31.10 -28.06 8.42
N GLU A 184 -30.82 -29.33 8.68
CA GLU A 184 -31.62 -30.10 9.61
C GLU A 184 -31.21 -29.87 11.08
N LYS A 185 -30.01 -30.34 11.46
CA LYS A 185 -29.48 -30.34 12.82
C LYS A 185 -29.04 -28.98 13.46
N LEU A 186 -28.70 -27.92 12.69
CA LEU A 186 -28.30 -26.64 13.32
C LEU A 186 -29.55 -25.93 13.86
N LEU A 187 -29.51 -25.49 15.14
CA LEU A 187 -30.62 -24.82 15.83
C LEU A 187 -31.25 -23.68 15.04
N PRO A 188 -32.60 -23.54 15.04
CA PRO A 188 -33.26 -22.46 14.26
C PRO A 188 -32.92 -21.02 14.63
N GLY A 189 -32.52 -20.81 15.89
CA GLY A 189 -32.13 -19.49 16.40
C GLY A 189 -30.89 -18.91 15.75
N ILE A 190 -30.02 -19.81 15.27
CA ILE A 190 -28.74 -19.53 14.62
C ILE A 190 -28.92 -19.19 13.13
N GLU A 191 -28.33 -18.05 12.69
CA GLU A 191 -28.35 -17.56 11.31
C GLU A 191 -27.14 -18.05 10.51
N VAL A 192 -27.32 -18.35 9.21
CA VAL A 192 -26.25 -18.86 8.34
C VAL A 192 -25.77 -17.82 7.28
N LEU A 193 -24.42 -17.65 7.18
CA LEU A 193 -23.75 -16.75 6.24
C LEU A 193 -23.59 -17.38 4.84
N TRP A 194 -23.80 -16.58 3.79
CA TRP A 194 -23.77 -17.00 2.40
C TRP A 194 -23.21 -15.84 1.56
N THR A 195 -22.37 -16.12 0.54
CA THR A 195 -21.81 -15.05 -0.28
C THR A 195 -22.41 -14.99 -1.69
N GLY A 196 -23.37 -15.87 -1.95
CA GLY A 196 -24.08 -16.02 -3.23
C GLY A 196 -23.56 -17.15 -4.11
N PRO A 197 -23.85 -17.07 -5.42
CA PRO A 197 -23.39 -18.12 -6.34
C PRO A 197 -21.88 -18.37 -6.29
N LYS A 198 -21.05 -17.33 -6.51
CA LYS A 198 -19.59 -17.44 -6.49
C LYS A 198 -19.06 -16.83 -5.15
N VAL A 199 -17.71 -16.77 -4.93
CA VAL A 199 -17.16 -16.16 -3.70
C VAL A 199 -17.47 -14.67 -3.82
N VAL A 200 -17.02 -14.05 -4.94
CA VAL A 200 -17.30 -12.64 -5.29
C VAL A 200 -18.45 -12.73 -6.35
N SER A 201 -19.71 -12.71 -5.90
CA SER A 201 -20.83 -12.84 -6.83
C SER A 201 -21.08 -11.60 -7.72
N LYS A 202 -21.15 -11.77 -9.08
CA LYS A 202 -21.46 -10.64 -10.00
C LYS A 202 -22.93 -10.20 -9.75
N GLU A 203 -23.81 -11.20 -9.62
CA GLU A 203 -25.22 -11.09 -9.34
C GLU A 203 -25.62 -12.16 -8.34
N ILE A 204 -26.56 -11.81 -7.45
CA ILE A 204 -27.11 -12.69 -6.42
C ILE A 204 -28.63 -12.87 -6.77
N PRO A 205 -28.97 -13.82 -7.68
CA PRO A 205 -30.37 -13.99 -8.08
C PRO A 205 -31.27 -14.63 -7.02
N VAL A 206 -32.50 -14.10 -6.94
CA VAL A 206 -33.60 -14.49 -6.04
C VAL A 206 -33.81 -16.01 -6.06
N GLU A 207 -33.67 -16.59 -7.27
CA GLU A 207 -33.76 -17.99 -7.60
C GLU A 207 -32.76 -18.76 -6.73
N SER A 208 -31.46 -18.32 -6.71
CA SER A 208 -30.35 -18.95 -5.95
C SER A 208 -30.54 -18.88 -4.44
N ILE A 209 -31.14 -17.77 -3.96
CA ILE A 209 -31.44 -17.53 -2.55
C ILE A 209 -32.63 -18.41 -2.11
N GLU A 210 -33.45 -18.87 -3.08
CA GLU A 210 -34.57 -19.76 -2.77
C GLU A 210 -33.99 -21.15 -2.56
N GLU A 211 -33.21 -21.65 -3.54
CA GLU A 211 -32.52 -22.95 -3.57
C GLU A 211 -31.68 -23.18 -2.29
N VAL A 212 -30.85 -22.19 -1.91
CA VAL A 212 -30.04 -22.30 -0.72
C VAL A 212 -30.92 -22.15 0.54
N SER A 213 -31.95 -21.26 0.54
CA SER A 213 -32.83 -21.07 1.71
C SER A 213 -33.56 -22.37 2.05
N LYS A 214 -33.84 -23.22 1.02
CA LYS A 214 -34.52 -24.49 1.16
C LYS A 214 -33.67 -25.43 1.97
N ILE A 215 -32.51 -25.86 1.40
CA ILE A 215 -31.54 -26.82 1.96
C ILE A 215 -30.99 -26.43 3.37
N ILE A 216 -30.99 -25.12 3.74
CA ILE A 216 -30.51 -24.70 5.07
C ILE A 216 -31.69 -24.48 6.01
N LYS A 217 -32.94 -24.59 5.48
CA LYS A 217 -34.19 -24.44 6.24
C LYS A 217 -34.27 -23.10 7.01
N ARG A 218 -33.77 -22.00 6.38
CA ARG A 218 -33.73 -20.61 6.88
C ARG A 218 -33.22 -19.63 5.80
N ALA A 219 -33.53 -18.31 5.94
CA ALA A 219 -33.06 -17.30 4.98
C ALA A 219 -31.68 -16.81 5.46
N PRO A 220 -30.67 -16.85 4.57
CA PRO A 220 -29.32 -16.46 4.97
C PRO A 220 -29.06 -14.98 5.23
N VAL A 221 -27.86 -14.72 5.76
CA VAL A 221 -27.32 -13.41 6.02
C VAL A 221 -26.23 -13.39 5.00
N ILE A 222 -26.30 -12.45 4.07
CA ILE A 222 -25.28 -12.33 3.02
C ILE A 222 -24.06 -11.65 3.60
N TRP A 223 -22.89 -12.20 3.26
CA TRP A 223 -21.55 -11.69 3.54
C TRP A 223 -21.17 -11.39 2.08
N ASP A 224 -21.35 -10.12 1.66
CA ASP A 224 -21.08 -9.69 0.29
C ASP A 224 -19.61 -9.32 0.00
N ASN A 225 -19.06 -9.89 -1.08
CA ASN A 225 -17.67 -9.63 -1.46
C ASN A 225 -17.53 -8.76 -2.71
N ILE A 226 -18.63 -8.12 -3.15
CA ILE A 226 -18.69 -7.23 -4.32
C ILE A 226 -17.54 -6.21 -4.32
N HIS A 227 -17.29 -5.49 -3.17
CA HIS A 227 -16.23 -4.49 -3.08
C HIS A 227 -14.93 -4.93 -2.38
N ALA A 228 -14.77 -6.21 -2.08
CA ALA A 228 -13.58 -6.76 -1.44
C ALA A 228 -12.42 -6.69 -2.44
N ASN A 229 -11.20 -6.34 -2.00
CA ASN A 229 -10.07 -6.25 -2.91
C ASN A 229 -8.84 -7.01 -2.39
N ASP A 230 -9.01 -7.92 -1.40
CA ASP A 230 -7.85 -8.67 -0.93
C ASP A 230 -7.27 -9.49 -2.09
N TYR A 231 -8.05 -10.38 -2.79
CA TYR A 231 -7.60 -11.19 -3.95
C TYR A 231 -6.70 -10.48 -4.98
N ASP A 232 -6.84 -9.11 -5.12
CA ASP A 232 -6.04 -8.30 -6.06
C ASP A 232 -5.79 -6.87 -5.57
N GLN A 233 -4.80 -6.75 -4.65
CA GLN A 233 -4.36 -5.52 -3.98
C GLN A 233 -3.84 -4.45 -4.96
N LYS A 234 -3.96 -4.70 -6.30
CA LYS A 234 -3.59 -3.77 -7.37
C LYS A 234 -4.86 -3.14 -7.98
N ARG A 235 -6.02 -3.56 -7.45
CA ARG A 235 -7.37 -3.10 -7.79
C ARG A 235 -8.05 -2.60 -6.52
N LEU A 236 -8.92 -1.62 -6.68
CA LEU A 236 -9.71 -0.99 -5.63
C LEU A 236 -11.12 -0.80 -6.24
N PHE A 237 -12.21 -0.90 -5.42
CA PHE A 237 -13.59 -0.79 -5.94
C PHE A 237 -14.41 0.35 -5.34
N LEU A 238 -14.66 1.36 -6.18
CA LEU A 238 -15.40 2.56 -5.83
C LEU A 238 -16.78 2.61 -6.48
N GLY A 239 -17.13 1.52 -7.18
CA GLY A 239 -18.41 1.39 -7.86
C GLY A 239 -19.58 1.34 -6.90
N PRO A 240 -20.83 1.49 -7.39
CA PRO A 240 -21.98 1.39 -6.47
C PRO A 240 -22.37 -0.06 -6.21
N TYR A 241 -23.09 -0.29 -5.11
CA TYR A 241 -23.62 -1.61 -4.77
C TYR A 241 -24.56 -1.99 -5.97
N LYS A 242 -24.26 -3.07 -6.68
CA LYS A 242 -25.02 -3.42 -7.89
C LYS A 242 -25.13 -4.93 -8.09
N GLY A 243 -26.27 -5.35 -8.66
CA GLY A 243 -26.52 -6.75 -8.98
C GLY A 243 -27.19 -7.62 -7.93
N ARG A 244 -27.86 -6.98 -6.95
CA ARG A 244 -28.61 -7.61 -5.88
C ARG A 244 -29.96 -6.89 -5.86
N SER A 245 -31.02 -7.59 -6.34
CA SER A 245 -32.40 -7.07 -6.44
C SER A 245 -32.91 -6.60 -5.08
N THR A 246 -33.71 -5.50 -5.04
CA THR A 246 -34.34 -5.07 -3.78
C THR A 246 -35.32 -6.21 -3.34
N GLU A 247 -35.68 -7.10 -4.30
CA GLU A 247 -36.53 -8.28 -4.10
C GLU A 247 -35.88 -9.35 -3.23
N LEU A 248 -34.61 -9.12 -2.84
CA LEU A 248 -33.84 -9.99 -1.96
C LEU A 248 -34.12 -9.59 -0.50
N ILE A 249 -34.13 -8.28 -0.16
CA ILE A 249 -34.33 -7.77 1.21
C ILE A 249 -35.42 -8.56 1.96
N PRO A 250 -36.65 -8.82 1.42
CA PRO A 250 -37.61 -9.64 2.20
C PRO A 250 -37.21 -11.12 2.36
N ARG A 251 -36.52 -11.68 1.37
CA ARG A 251 -36.07 -13.07 1.34
C ARG A 251 -34.69 -13.35 2.05
N LEU A 252 -34.21 -12.42 2.91
CA LEU A 252 -32.93 -12.57 3.63
C LEU A 252 -32.95 -12.03 5.07
N LYS A 253 -32.05 -12.55 5.93
CA LYS A 253 -31.92 -12.13 7.34
C LYS A 253 -31.01 -10.89 7.44
N GLY A 254 -30.20 -10.65 6.41
CA GLY A 254 -29.31 -9.49 6.36
C GLY A 254 -28.28 -9.49 5.26
N VAL A 255 -27.56 -8.34 5.13
CA VAL A 255 -26.46 -8.10 4.18
C VAL A 255 -25.36 -7.37 4.92
N LEU A 256 -24.20 -8.05 5.03
CA LEU A 256 -22.98 -7.55 5.63
C LEU A 256 -21.92 -7.44 4.51
N THR A 257 -21.36 -6.25 4.32
CA THR A 257 -20.40 -6.07 3.24
C THR A 257 -18.93 -6.21 3.70
N ASN A 258 -18.16 -7.11 3.03
CA ASN A 258 -16.73 -7.32 3.22
C ASN A 258 -16.17 -6.33 2.18
N PRO A 259 -15.73 -5.09 2.58
CA PRO A 259 -15.31 -4.10 1.58
C PRO A 259 -13.81 -4.06 1.28
N ASN A 260 -13.28 -2.95 0.70
CA ASN A 260 -11.84 -2.88 0.38
C ASN A 260 -11.04 -2.83 1.63
N CYS A 261 -9.83 -3.44 1.57
CA CYS A 261 -8.86 -3.48 2.65
C CYS A 261 -8.55 -2.10 3.11
N GLU A 262 -8.48 -1.18 2.15
CA GLU A 262 -8.22 0.22 2.36
C GLU A 262 -9.47 0.88 2.89
N PHE A 263 -9.51 1.00 4.24
CA PHE A 263 -10.61 1.55 5.03
C PHE A 263 -11.30 2.81 4.45
N GLU A 264 -10.55 3.84 4.12
CA GLU A 264 -11.12 5.10 3.63
C GLU A 264 -11.89 5.04 2.27
N ALA A 265 -11.56 4.06 1.40
CA ALA A 265 -12.13 3.86 0.06
C ALA A 265 -13.47 3.12 0.04
N ASN A 266 -14.05 2.92 1.21
CA ASN A 266 -15.30 2.21 1.35
C ASN A 266 -16.51 3.12 1.51
N TYR A 267 -16.34 4.47 1.33
CA TYR A 267 -17.45 5.44 1.43
C TYR A 267 -18.59 5.06 0.46
N VAL A 268 -18.35 5.09 -0.86
CA VAL A 268 -19.34 4.69 -1.85
C VAL A 268 -19.90 3.28 -1.57
N ALA A 269 -19.06 2.31 -1.26
CA ALA A 269 -19.55 0.96 -1.02
C ALA A 269 -20.57 0.85 0.13
N ILE A 270 -20.29 1.43 1.31
CA ILE A 270 -21.18 1.37 2.50
C ILE A 270 -22.38 2.35 2.35
N HIS A 271 -22.18 3.48 1.63
CA HIS A 271 -23.20 4.48 1.36
C HIS A 271 -24.29 3.85 0.49
N THR A 272 -23.92 3.37 -0.73
CA THR A 272 -24.83 2.74 -1.70
C THR A 272 -25.51 1.51 -1.05
N LEU A 273 -24.77 0.75 -0.25
CA LEU A 273 -25.39 -0.35 0.45
C LEU A 273 -26.54 0.19 1.33
N ALA A 274 -26.30 1.23 2.18
CA ALA A 274 -27.34 1.79 3.05
C ALA A 274 -28.54 2.18 2.20
N THR A 275 -28.29 2.91 1.12
CA THR A 275 -29.30 3.37 0.16
C THR A 275 -30.11 2.21 -0.38
N TRP A 276 -29.44 1.11 -0.75
CA TRP A 276 -30.05 -0.12 -1.28
C TRP A 276 -31.08 -0.65 -0.30
N TYR A 277 -30.61 -1.05 0.88
CA TYR A 277 -31.39 -1.58 1.97
C TYR A 277 -32.57 -0.69 2.21
N LYS A 278 -32.34 0.58 2.61
CA LYS A 278 -33.40 1.56 2.90
C LYS A 278 -34.48 1.69 1.77
N SER A 279 -34.08 1.61 0.48
CA SER A 279 -34.98 1.71 -0.69
C SER A 279 -36.12 0.65 -0.72
N ASN A 280 -36.07 -0.40 0.13
CA ASN A 280 -37.08 -1.46 0.20
C ASN A 280 -36.98 -2.13 1.55
N MET A 281 -36.84 -1.31 2.56
CA MET A 281 -36.70 -1.73 3.94
C MET A 281 -37.87 -2.64 4.38
N ASN A 282 -39.10 -2.10 4.29
CA ASN A 282 -40.38 -2.69 4.70
C ASN A 282 -41.12 -3.45 3.58
N GLY A 283 -40.36 -3.85 2.56
CA GLY A 283 -40.88 -4.60 1.43
C GLY A 283 -41.14 -6.03 1.78
N VAL A 284 -42.38 -6.50 1.54
CA VAL A 284 -42.84 -7.86 1.83
C VAL A 284 -43.08 -8.70 0.55
N ARG A 285 -42.79 -10.03 0.62
CA ARG A 285 -42.96 -11.06 -0.44
C ARG A 285 -42.70 -12.47 0.10
N VAL A 317 -37.00 0.59 -11.30
CA VAL A 317 -37.25 -0.06 -10.02
C VAL A 317 -36.95 0.87 -8.82
N LEU A 318 -36.99 0.31 -7.57
CA LEU A 318 -36.78 1.03 -6.29
C LEU A 318 -35.37 1.63 -6.03
N TYR A 319 -34.34 1.01 -6.67
CA TYR A 319 -32.93 1.36 -6.54
C TYR A 319 -32.17 1.43 -7.87
N SER A 320 -31.63 2.62 -8.16
CA SER A 320 -30.81 2.92 -9.32
C SER A 320 -29.35 2.98 -8.78
N PRO A 321 -28.45 2.05 -9.20
CA PRO A 321 -27.07 2.09 -8.69
C PRO A 321 -26.41 3.39 -9.09
N GLN A 322 -26.60 3.74 -10.38
CA GLN A 322 -26.10 4.95 -11.00
C GLN A 322 -26.59 6.20 -10.22
N MET A 323 -27.84 6.18 -9.70
CA MET A 323 -28.34 7.29 -8.91
C MET A 323 -27.73 7.25 -7.51
N ALA A 324 -27.59 6.02 -6.94
CA ALA A 324 -27.00 5.77 -5.61
C ALA A 324 -25.59 6.30 -5.54
N LEU A 325 -24.87 6.13 -6.66
CA LEU A 325 -23.51 6.57 -6.84
C LEU A 325 -23.35 8.10 -6.80
N LYS A 326 -24.19 8.88 -7.56
CA LYS A 326 -24.12 10.36 -7.58
C LYS A 326 -24.39 10.91 -6.18
N LEU A 327 -25.23 10.22 -5.43
CA LEU A 327 -25.57 10.58 -4.07
C LEU A 327 -24.39 10.33 -3.16
N ALA A 328 -23.73 9.15 -3.31
CA ALA A 328 -22.57 8.72 -2.53
C ALA A 328 -21.39 9.65 -2.73
N LEU A 329 -21.05 9.88 -4.03
CA LEU A 329 -19.97 10.75 -4.49
C LEU A 329 -20.15 12.22 -4.05
N THR A 330 -21.40 12.68 -3.92
CA THR A 330 -21.72 14.04 -3.47
C THR A 330 -21.41 14.19 -1.99
N GLU A 331 -21.85 13.18 -1.22
CA GLU A 331 -21.66 13.18 0.21
C GLU A 331 -20.19 12.97 0.52
N TRP A 332 -19.48 12.18 -0.34
CA TRP A 332 -18.05 11.91 -0.13
C TRP A 332 -17.22 13.16 -0.32
N LEU A 333 -17.49 13.91 -1.42
CA LEU A 333 -16.78 15.13 -1.82
C LEU A 333 -16.52 16.09 -0.69
N GLN A 334 -17.49 16.19 0.21
CA GLN A 334 -17.41 17.09 1.36
C GLN A 334 -16.28 16.69 2.30
N GLU A 335 -16.00 15.37 2.46
CA GLU A 335 -14.97 14.77 3.31
C GLU A 335 -13.56 15.19 2.97
N PHE A 336 -13.29 15.40 1.67
CA PHE A 336 -11.99 15.79 1.14
C PHE A 336 -11.52 17.17 1.64
N GLY A 337 -12.35 18.22 1.54
CA GLY A 337 -12.08 19.61 1.94
C GLY A 337 -11.10 19.88 3.07
N MET B 1 3.80 41.11 -10.08
CA MET B 1 5.26 41.31 -10.18
C MET B 1 6.05 40.23 -9.46
N GLU B 2 5.62 39.90 -8.23
CA GLU B 2 6.22 38.88 -7.36
C GLU B 2 5.71 37.46 -7.72
N LYS B 3 6.29 36.41 -7.09
CA LYS B 3 5.88 35.04 -7.32
C LYS B 3 4.58 34.78 -6.55
N PRO B 4 3.51 34.34 -7.26
CA PRO B 4 2.24 34.08 -6.56
C PRO B 4 2.37 32.90 -5.59
N LEU B 5 1.84 33.05 -4.37
CA LEU B 5 1.87 32.03 -3.31
C LEU B 5 1.24 30.72 -3.78
N TYR B 6 1.78 29.60 -3.27
CA TYR B 6 1.27 28.29 -3.61
C TYR B 6 -0.17 28.14 -3.13
N THR B 7 -1.04 27.70 -4.05
CA THR B 7 -2.46 27.40 -3.83
C THR B 7 -2.81 26.24 -4.75
N ALA B 8 -3.85 25.48 -4.39
CA ALA B 8 -4.30 24.34 -5.19
C ALA B 8 -5.80 24.35 -5.33
N GLU B 9 -6.25 24.00 -6.55
CA GLU B 9 -7.66 23.92 -6.88
C GLU B 9 -8.22 22.74 -6.08
N PRO B 10 -9.40 22.88 -5.42
CA PRO B 10 -9.92 21.77 -4.61
C PRO B 10 -10.44 20.58 -5.42
N VAL B 11 -10.94 19.54 -4.74
CA VAL B 11 -11.43 18.37 -5.48
C VAL B 11 -12.85 18.65 -5.97
N THR B 12 -13.07 18.51 -7.26
CA THR B 12 -14.35 18.72 -7.92
C THR B 12 -15.16 17.40 -7.84
N LEU B 13 -16.50 17.46 -8.00
CA LEU B 13 -17.33 16.25 -8.01
C LEU B 13 -16.99 15.41 -9.23
N GLU B 14 -16.67 16.07 -10.35
CA GLU B 14 -16.30 15.47 -11.64
C GLU B 14 -15.03 14.64 -11.49
N ASP B 15 -14.15 15.01 -10.49
CA ASP B 15 -12.89 14.28 -10.20
C ASP B 15 -13.24 12.93 -9.66
N LEU B 16 -14.04 12.92 -8.57
CA LEU B 16 -14.58 11.75 -7.90
C LEU B 16 -15.32 10.84 -8.89
N GLN B 17 -16.14 11.43 -9.76
CA GLN B 17 -16.90 10.76 -10.78
C GLN B 17 -16.01 10.01 -11.71
N LEU B 18 -14.86 10.61 -12.08
CA LEU B 18 -13.86 9.99 -12.97
C LEU B 18 -13.15 8.85 -12.20
N LEU B 19 -12.68 9.17 -10.96
CA LEU B 19 -12.01 8.24 -10.06
C LEU B 19 -12.83 6.97 -9.93
N ALA B 20 -14.10 7.11 -9.54
CA ALA B 20 -15.02 5.99 -9.40
C ALA B 20 -15.19 5.20 -10.70
N ASP B 21 -15.01 5.83 -11.85
CA ASP B 21 -15.16 5.11 -13.12
C ASP B 21 -13.92 4.38 -13.48
N LEU B 22 -12.78 4.87 -12.94
CA LEU B 22 -11.47 4.24 -13.16
C LEU B 22 -11.40 2.98 -12.27
N PHE B 23 -11.60 3.15 -10.93
CA PHE B 23 -11.60 2.07 -9.95
C PHE B 23 -13.05 1.75 -9.66
N TYR B 24 -13.76 1.13 -10.66
CA TYR B 24 -15.21 0.87 -10.58
C TYR B 24 -15.63 -0.42 -9.85
N LEU B 25 -15.88 -1.52 -10.58
CA LEU B 25 -16.31 -2.75 -9.93
C LEU B 25 -15.41 -3.90 -10.31
N PRO B 26 -15.56 -5.11 -9.67
CA PRO B 26 -14.67 -6.22 -10.01
C PRO B 26 -15.02 -6.96 -11.30
N TYR B 27 -16.15 -6.63 -11.93
CA TYR B 27 -16.60 -7.29 -13.15
C TYR B 27 -16.98 -6.27 -14.21
N GLU B 28 -16.74 -4.98 -13.95
CA GLU B 28 -17.12 -3.93 -14.88
C GLU B 28 -16.36 -2.65 -14.67
N HIS B 29 -15.95 -2.04 -15.78
CA HIS B 29 -15.26 -0.75 -15.80
C HIS B 29 -16.29 0.39 -15.80
N GLY B 30 -15.92 1.49 -15.21
CA GLY B 30 -16.82 2.64 -15.19
C GLY B 30 -16.95 3.26 -16.56
N PRO B 31 -18.15 3.76 -16.90
CA PRO B 31 -18.36 4.40 -18.22
C PRO B 31 -17.16 5.16 -18.80
N LYS B 32 -16.64 6.18 -18.07
CA LYS B 32 -15.53 7.02 -18.51
C LYS B 32 -14.29 6.22 -18.86
N GLY B 33 -13.94 5.25 -18.02
CA GLY B 33 -12.78 4.39 -18.20
C GLY B 33 -12.91 3.39 -19.33
N ALA B 34 -14.11 2.77 -19.44
CA ALA B 34 -14.47 1.80 -20.48
C ALA B 34 -14.21 2.47 -21.84
N GLN B 35 -14.70 3.73 -21.95
CA GLN B 35 -14.60 4.64 -23.08
C GLN B 35 -13.11 4.97 -23.29
N MET B 36 -12.45 5.56 -22.26
CA MET B 36 -11.04 5.92 -22.25
C MET B 36 -10.15 4.80 -22.79
N LEU B 37 -10.60 3.56 -22.67
CA LEU B 37 -9.87 2.41 -23.17
C LEU B 37 -10.13 2.23 -24.65
N ARG B 38 -11.42 2.16 -25.06
CA ARG B 38 -11.86 1.98 -26.45
C ARG B 38 -11.12 2.90 -27.43
N GLU B 39 -10.90 4.17 -27.01
CA GLU B 39 -10.20 5.22 -27.76
C GLU B 39 -8.74 4.90 -27.94
N PHE B 40 -8.01 4.56 -26.86
CA PHE B 40 -6.60 4.19 -26.97
C PHE B 40 -6.42 2.92 -27.82
N GLN B 41 -7.40 2.00 -27.78
CA GLN B 41 -7.36 0.76 -28.56
C GLN B 41 -7.45 1.10 -30.04
N TRP B 42 -8.32 2.08 -30.38
CA TRP B 42 -8.58 2.57 -31.75
C TRP B 42 -7.40 3.35 -32.33
N LEU B 43 -6.80 4.29 -31.56
CA LEU B 43 -5.66 5.10 -32.00
C LEU B 43 -4.37 4.26 -32.17
N ARG B 44 -4.41 3.01 -31.66
CA ARG B 44 -3.32 2.04 -31.75
C ARG B 44 -3.62 1.07 -32.93
N ALA B 45 -4.84 1.18 -33.49
CA ALA B 45 -5.31 0.37 -34.63
C ALA B 45 -5.06 1.07 -35.98
N ASN B 46 -4.51 2.31 -35.94
CA ASN B 46 -4.20 3.12 -37.11
C ASN B 46 -3.06 4.11 -36.81
N SER B 47 -2.28 4.45 -37.85
CA SER B 47 -1.16 5.40 -37.78
C SER B 47 -0.86 6.00 -39.18
N SER B 48 -1.56 7.10 -39.51
CA SER B 48 -1.43 7.81 -40.78
C SER B 48 -0.61 9.08 -40.60
N GLU B 64 -10.24 12.93 -38.56
CA GLU B 64 -10.94 12.12 -37.56
C GLU B 64 -9.99 11.62 -36.46
N TRP B 65 -8.94 10.87 -36.86
CA TRP B 65 -7.92 10.29 -35.98
C TRP B 65 -7.31 11.38 -35.10
N ARG B 66 -6.72 12.42 -35.73
CA ARG B 66 -6.06 13.54 -35.06
C ARG B 66 -7.01 14.37 -34.17
N SER B 67 -8.33 14.34 -34.47
CA SER B 67 -9.35 15.06 -33.69
C SER B 67 -9.73 14.26 -32.44
N ARG B 68 -9.74 12.90 -32.56
CA ARG B 68 -10.04 11.93 -31.48
C ARG B 68 -8.89 11.92 -30.47
N ALA B 69 -7.63 11.80 -30.96
CA ALA B 69 -6.38 11.79 -30.20
C ALA B 69 -6.20 13.08 -29.39
N ALA B 70 -6.76 14.19 -29.90
CA ALA B 70 -6.72 15.50 -29.26
C ALA B 70 -7.69 15.47 -28.08
N LYS B 71 -8.87 14.85 -28.30
CA LYS B 71 -9.91 14.69 -27.29
C LYS B 71 -9.58 13.59 -26.26
N PHE B 72 -8.68 12.65 -26.64
CA PHE B 72 -8.23 11.55 -25.78
C PHE B 72 -7.15 12.05 -24.82
N GLU B 73 -6.24 12.90 -25.33
CA GLU B 73 -5.17 13.51 -24.57
C GLU B 73 -5.79 14.44 -23.51
N GLU B 74 -6.94 15.06 -23.84
CA GLU B 74 -7.70 15.95 -22.95
C GLU B 74 -8.09 15.14 -21.70
N MET B 75 -8.63 13.92 -21.94
CA MET B 75 -9.08 12.94 -20.95
C MET B 75 -7.92 12.51 -20.05
N CYS B 76 -6.75 12.21 -20.66
CA CYS B 76 -5.53 11.81 -19.94
C CYS B 76 -5.14 12.93 -18.97
N GLY B 77 -5.21 14.17 -19.42
CA GLY B 77 -4.91 15.35 -18.60
C GLY B 77 -5.80 15.42 -17.37
N LEU B 78 -7.09 15.09 -17.57
CA LEU B 78 -8.13 15.07 -16.55
C LEU B 78 -7.78 14.06 -15.46
N VAL B 79 -7.25 12.87 -15.87
CA VAL B 79 -6.82 11.81 -14.97
C VAL B 79 -5.68 12.38 -14.11
N MET B 80 -4.67 12.95 -14.77
CA MET B 80 -3.50 13.53 -14.11
C MET B 80 -3.85 14.68 -13.16
N GLY B 81 -4.74 15.56 -13.60
CA GLY B 81 -5.21 16.71 -12.82
C GLY B 81 -5.97 16.24 -11.62
N MET B 82 -6.76 15.16 -11.82
CA MET B 82 -7.55 14.52 -10.76
C MET B 82 -6.62 14.14 -9.61
N PHE B 83 -5.49 13.44 -9.91
CA PHE B 83 -4.46 13.06 -8.92
C PHE B 83 -3.96 14.32 -8.22
N THR B 84 -3.48 15.29 -9.04
CA THR B 84 -2.93 16.58 -8.64
C THR B 84 -3.80 17.26 -7.58
N ARG B 85 -5.11 17.38 -7.84
CA ARG B 85 -6.01 18.02 -6.88
C ARG B 85 -6.32 17.13 -5.68
N LEU B 86 -6.42 15.79 -5.91
CA LEU B 86 -6.71 14.75 -4.92
C LEU B 86 -5.64 14.76 -3.85
N SER B 87 -4.38 14.97 -4.26
CA SER B 87 -3.21 15.01 -3.39
C SER B 87 -3.11 16.26 -2.52
N ASN B 88 -3.26 17.43 -3.15
CA ASN B 88 -3.17 18.72 -2.48
C ASN B 88 -4.37 19.05 -1.56
N CYS B 89 -5.37 18.15 -1.47
CA CYS B 89 -6.53 18.36 -0.59
C CYS B 89 -6.12 18.33 0.90
N ALA B 90 -6.95 18.97 1.77
CA ALA B 90 -6.69 19.09 3.21
C ALA B 90 -6.57 17.73 3.89
N ASN B 91 -7.53 16.83 3.55
CA ASN B 91 -7.65 15.45 4.08
C ASN B 91 -6.65 14.53 3.40
N ARG B 92 -5.50 14.40 4.03
CA ARG B 92 -4.41 13.58 3.55
C ARG B 92 -4.57 12.14 3.94
N THR B 93 -5.49 11.88 4.89
CA THR B 93 -5.85 10.55 5.40
C THR B 93 -6.45 9.76 4.22
N ILE B 94 -7.52 10.32 3.56
CA ILE B 94 -8.19 9.68 2.44
C ILE B 94 -7.15 9.41 1.38
N LEU B 95 -6.36 10.43 0.99
CA LEU B 95 -5.34 10.26 -0.04
C LEU B 95 -4.38 9.10 0.18
N TYR B 96 -3.67 9.15 1.32
CA TYR B 96 -2.67 8.16 1.68
C TYR B 96 -3.25 6.76 1.76
N ASP B 97 -4.54 6.64 2.08
CA ASP B 97 -5.25 5.36 2.16
C ASP B 97 -5.40 4.69 0.79
N MET B 98 -5.32 5.44 -0.31
CA MET B 98 -5.46 4.90 -1.65
C MET B 98 -4.52 5.64 -2.64
N TYR B 99 -3.34 6.06 -2.15
CA TYR B 99 -2.31 6.79 -2.89
C TYR B 99 -1.75 5.97 -4.07
N SER B 100 -1.30 4.73 -3.79
CA SER B 100 -0.73 3.80 -4.75
C SER B 100 -1.58 3.58 -6.00
N TYR B 101 -2.92 3.49 -5.82
CA TYR B 101 -3.91 3.28 -6.86
C TYR B 101 -3.98 4.47 -7.80
N VAL B 102 -4.29 5.66 -7.27
CA VAL B 102 -4.39 6.95 -7.95
C VAL B 102 -3.05 7.32 -8.62
N TRP B 103 -1.92 7.08 -7.93
CA TRP B 103 -0.60 7.36 -8.47
C TRP B 103 -0.33 6.47 -9.68
N ASP B 104 -0.60 5.18 -9.55
CA ASP B 104 -0.35 4.24 -10.64
C ASP B 104 -1.29 4.47 -11.81
N ILE B 105 -2.51 5.03 -11.60
CA ILE B 105 -3.37 5.31 -12.74
C ILE B 105 -2.81 6.56 -13.45
N LYS B 106 -2.45 7.60 -12.64
CA LYS B 106 -1.87 8.88 -13.11
C LYS B 106 -0.67 8.61 -14.02
N SER B 107 0.28 7.77 -13.56
CA SER B 107 1.50 7.39 -14.26
C SER B 107 1.21 6.72 -15.61
N ILE B 108 0.43 5.61 -15.64
CA ILE B 108 0.10 4.86 -16.89
C ILE B 108 -0.65 5.76 -17.88
N MET B 109 -1.27 6.83 -17.37
CA MET B 109 -1.95 7.77 -18.25
C MET B 109 -0.93 8.68 -18.93
N SER B 110 0.11 9.14 -18.18
CA SER B 110 1.21 9.97 -18.72
C SER B 110 1.89 9.21 -19.86
N MET B 111 2.34 7.96 -19.59
CA MET B 111 2.99 7.13 -20.61
C MET B 111 2.02 6.75 -21.75
N VAL B 112 0.69 6.81 -21.53
CA VAL B 112 -0.22 6.50 -22.63
C VAL B 112 -0.44 7.79 -23.47
N LYS B 113 -0.57 8.97 -22.80
CA LYS B 113 -0.73 10.29 -23.42
C LYS B 113 0.50 10.52 -24.29
N SER B 114 1.70 10.39 -23.70
CA SER B 114 3.00 10.53 -24.39
C SER B 114 3.16 9.64 -25.62
N PHE B 115 2.58 8.43 -25.57
CA PHE B 115 2.63 7.48 -26.68
C PHE B 115 1.65 7.89 -27.79
N VAL B 116 0.52 8.52 -27.42
CA VAL B 116 -0.49 8.97 -28.39
C VAL B 116 -0.01 10.26 -29.10
N GLN B 117 0.70 11.16 -28.37
CA GLN B 117 1.26 12.40 -28.93
C GLN B 117 2.27 11.99 -30.03
N TRP B 118 3.12 10.99 -29.72
CA TRP B 118 4.16 10.41 -30.58
C TRP B 118 3.57 9.77 -31.85
N LEU B 119 2.40 9.10 -31.74
CA LEU B 119 1.74 8.40 -32.85
C LEU B 119 1.42 9.29 -34.08
N GLY B 120 1.06 10.55 -33.83
CA GLY B 120 0.76 11.53 -34.86
C GLY B 120 1.98 12.35 -35.25
N CYS B 121 2.89 12.56 -34.28
CA CYS B 121 4.15 13.29 -34.41
C CYS B 121 5.29 12.28 -34.65
N ARG B 122 5.34 11.71 -35.87
CA ARG B 122 6.35 10.73 -36.29
C ARG B 122 6.81 10.96 -37.73
N ARG B 140 9.33 -1.64 -16.04
CA ARG B 140 8.33 -1.14 -15.10
C ARG B 140 7.38 -2.26 -14.59
N GLY B 141 6.39 -1.89 -13.76
CA GLY B 141 5.37 -2.77 -13.18
C GLY B 141 5.83 -3.93 -12.32
N GLY B 142 7.14 -4.15 -12.29
CA GLY B 142 7.83 -5.21 -11.54
C GLY B 142 7.98 -6.52 -12.30
N LEU B 143 8.50 -7.57 -11.61
CA LEU B 143 8.67 -8.91 -12.19
C LEU B 143 7.31 -9.55 -12.25
N ALA B 144 6.46 -9.23 -11.25
CA ALA B 144 5.08 -9.71 -11.12
C ALA B 144 4.30 -9.38 -12.38
N GLY B 145 4.53 -8.17 -12.92
CA GLY B 145 3.92 -7.67 -14.15
C GLY B 145 4.40 -8.39 -15.37
N GLU B 146 5.72 -8.60 -15.48
CA GLU B 146 6.35 -9.33 -16.59
C GLU B 146 5.83 -10.75 -16.70
N PHE B 147 5.38 -11.32 -15.58
CA PHE B 147 4.83 -12.67 -15.57
C PHE B 147 3.36 -12.62 -15.97
N GLN B 148 2.66 -11.53 -15.63
CA GLN B 148 1.22 -11.33 -15.92
C GLN B 148 1.04 -11.19 -17.43
N ARG B 149 1.93 -10.37 -18.06
CA ARG B 149 1.98 -10.07 -19.50
C ARG B 149 1.98 -11.35 -20.36
N LEU B 150 2.89 -12.29 -20.04
CA LEU B 150 3.06 -13.57 -20.72
C LEU B 150 1.94 -14.58 -20.41
N LEU B 151 0.70 -14.09 -20.29
CA LEU B 151 -0.49 -14.89 -20.00
C LEU B 151 -1.69 -14.39 -20.84
N PRO B 152 -2.63 -15.29 -21.22
CA PRO B 152 -3.80 -14.86 -22.03
C PRO B 152 -4.75 -13.87 -21.33
N ARG C 3 39.01 12.85 8.20
CA ARG C 3 38.21 13.45 7.13
C ARG C 3 36.70 13.24 7.34
N ARG C 4 35.90 14.32 7.14
CA ARG C 4 34.44 14.35 7.27
C ARG C 4 33.80 13.79 6.00
N PHE C 5 32.91 12.82 6.17
CA PHE C 5 32.20 12.18 5.07
C PHE C 5 30.76 11.96 5.52
N LEU C 6 29.81 12.55 4.80
CA LEU C 6 28.42 12.40 5.19
C LEU C 6 27.80 11.14 4.60
N CYS C 7 27.73 10.09 5.42
CA CYS C 7 27.12 8.87 4.93
C CYS C 7 25.90 8.49 5.73
N GLY C 8 24.78 8.35 5.02
CA GLY C 8 23.52 8.02 5.65
C GLY C 8 22.31 7.94 4.73
N VAL C 9 21.17 8.30 5.30
CA VAL C 9 19.87 8.26 4.64
C VAL C 9 19.27 9.66 4.52
N VAL C 10 18.54 9.89 3.40
CA VAL C 10 17.78 11.12 3.14
C VAL C 10 16.34 10.74 3.01
N GLU C 11 15.45 11.22 3.89
CA GLU C 11 14.00 10.96 3.73
C GLU C 11 13.60 12.16 2.85
N GLY C 12 13.78 12.05 1.52
CA GLY C 12 13.48 13.13 0.59
C GLY C 12 12.58 12.75 -0.57
N PHE C 13 11.67 11.82 -0.35
CA PHE C 13 10.78 11.36 -1.38
C PHE C 13 9.42 12.00 -1.31
N TYR C 14 8.61 11.82 -2.39
CA TYR C 14 7.23 12.29 -2.46
C TYR C 14 6.39 11.19 -1.81
N GLY C 15 5.20 11.52 -1.35
CA GLY C 15 4.38 10.49 -0.72
C GLY C 15 4.37 10.58 0.80
N ARG C 16 3.61 9.68 1.45
CA ARG C 16 3.48 9.66 2.89
C ARG C 16 4.81 9.63 3.63
N PRO C 17 5.07 10.70 4.43
CA PRO C 17 6.33 10.74 5.21
C PRO C 17 6.38 9.71 6.35
N TRP C 18 7.61 9.42 6.83
CA TRP C 18 7.79 8.47 7.92
C TRP C 18 7.34 9.04 9.26
N VAL C 19 6.82 8.21 10.15
CA VAL C 19 6.41 8.68 11.47
C VAL C 19 7.61 8.74 12.43
N MET C 20 7.54 9.60 13.46
CA MET C 20 8.62 9.81 14.43
C MET C 20 9.22 8.50 14.93
N GLU C 21 8.38 7.57 15.42
CA GLU C 21 8.90 6.30 15.93
C GLU C 21 9.74 5.53 14.87
N GLN C 22 9.41 5.69 13.58
CA GLN C 22 10.18 5.05 12.51
C GLN C 22 11.50 5.73 12.44
N ARG C 23 11.50 7.10 12.29
CA ARG C 23 12.70 7.92 12.23
C ARG C 23 13.67 7.57 13.40
N LYS C 24 13.15 7.52 14.65
CA LYS C 24 13.94 7.16 15.84
C LYS C 24 14.64 5.81 15.63
N GLU C 25 13.91 4.81 15.07
CA GLU C 25 14.42 3.47 14.77
C GLU C 25 15.49 3.52 13.68
N LEU C 26 15.29 4.40 12.69
CA LEU C 26 16.24 4.59 11.59
C LEU C 26 17.66 4.88 12.18
N PHE C 27 17.73 5.82 13.14
CA PHE C 27 18.95 6.25 13.83
C PHE C 27 19.67 5.07 14.50
N ARG C 28 18.90 4.14 15.15
CA ARG C 28 19.43 2.94 15.83
C ARG C 28 20.10 2.09 14.81
N ARG C 29 19.43 1.92 13.65
CA ARG C 29 19.96 1.14 12.52
C ARG C 29 21.23 1.79 11.95
N LEU C 30 21.21 3.13 11.71
CA LEU C 30 22.35 3.89 11.17
C LEU C 30 23.58 3.86 12.10
N GLN C 31 23.34 3.97 13.43
CA GLN C 31 24.33 3.95 14.49
C GLN C 31 24.98 2.57 14.53
N LYS C 32 24.14 1.51 14.56
CA LYS C 32 24.56 0.11 14.55
C LYS C 32 25.53 -0.19 13.37
N TRP C 33 25.26 0.39 12.17
CA TRP C 33 26.01 0.17 10.94
C TRP C 33 27.11 1.22 10.68
N GLU C 34 27.53 1.96 11.72
CA GLU C 34 28.61 2.97 11.63
C GLU C 34 28.36 4.10 10.58
N LEU C 35 27.09 4.50 10.42
CA LEU C 35 26.69 5.59 9.52
C LEU C 35 26.48 6.82 10.40
N ASN C 36 26.55 8.02 9.83
CA ASN C 36 26.48 9.23 10.65
C ASN C 36 25.48 10.33 10.30
N THR C 37 24.90 10.34 9.11
CA THR C 37 24.01 11.45 8.79
C THR C 37 22.54 11.03 8.54
N TYR C 38 21.59 11.98 8.76
CA TYR C 38 20.16 11.87 8.46
C TYR C 38 19.66 13.19 7.89
N LEU C 39 19.23 13.22 6.63
CA LEU C 39 18.73 14.46 6.03
C LEU C 39 17.21 14.50 5.97
N TYR C 40 16.61 15.32 6.85
CA TYR C 40 15.17 15.49 6.94
C TYR C 40 14.67 16.36 5.77
N ALA C 41 14.02 15.75 4.75
CA ALA C 41 13.49 16.46 3.58
C ALA C 41 12.18 15.83 3.00
N PRO C 42 11.19 15.38 3.82
CA PRO C 42 9.99 14.76 3.24
C PRO C 42 9.30 15.76 2.34
N LYS C 43 9.11 15.41 1.05
CA LYS C 43 8.52 16.33 0.07
C LYS C 43 7.08 16.68 0.37
N ASP C 44 6.36 15.72 0.99
CA ASP C 44 4.95 15.92 1.30
C ASP C 44 4.72 16.54 2.69
N ASP C 45 5.79 16.98 3.41
CA ASP C 45 5.59 17.69 4.68
C ASP C 45 5.22 19.10 4.21
N TYR C 46 4.01 19.55 4.60
CA TYR C 46 3.49 20.86 4.22
C TYR C 46 4.49 21.95 4.64
N LYS C 47 4.94 21.90 5.91
CA LYS C 47 5.84 22.86 6.51
C LYS C 47 7.29 22.64 6.09
N HIS C 48 7.52 22.10 4.90
CA HIS C 48 8.88 21.93 4.41
C HIS C 48 9.00 22.43 2.98
N ARG C 49 7.98 22.19 2.14
CA ARG C 49 8.05 22.55 0.74
C ARG C 49 6.97 23.54 0.27
N MET C 50 5.70 23.11 0.36
CA MET C 50 4.57 23.90 -0.10
C MET C 50 4.31 25.12 0.73
N PHE C 51 4.22 24.92 2.05
CA PHE C 51 3.93 25.97 3.01
C PHE C 51 5.08 26.14 3.98
N TRP C 52 6.29 26.27 3.42
CA TRP C 52 7.55 26.43 4.14
C TRP C 52 7.55 27.59 5.14
N ARG C 53 6.81 28.66 4.83
CA ARG C 53 6.69 29.85 5.66
C ARG C 53 6.08 29.54 7.02
N GLU C 54 5.09 28.63 7.06
CA GLU C 54 4.40 28.24 8.30
C GLU C 54 5.37 27.84 9.41
N MET C 55 5.15 28.38 10.60
CA MET C 55 6.01 28.06 11.74
C MET C 55 5.48 26.79 12.34
N TYR C 56 6.32 26.02 13.03
CA TYR C 56 5.84 24.77 13.62
C TYR C 56 4.89 25.02 14.78
N SER C 57 3.90 24.14 14.95
CA SER C 57 2.94 24.22 16.04
C SER C 57 3.63 23.83 17.35
N VAL C 58 2.90 23.89 18.45
CA VAL C 58 3.45 23.57 19.75
C VAL C 58 3.68 22.07 19.92
N GLU C 59 2.68 21.24 19.52
CA GLU C 59 2.73 19.76 19.58
C GLU C 59 3.79 19.27 18.59
N GLU C 60 3.83 19.91 17.40
CA GLU C 60 4.79 19.64 16.32
C GLU C 60 6.22 19.91 16.78
N ALA C 61 6.42 21.01 17.53
CA ALA C 61 7.70 21.43 18.06
C ALA C 61 8.24 20.40 19.03
N GLU C 62 7.39 19.94 19.98
CA GLU C 62 7.75 18.94 20.98
C GLU C 62 8.25 17.66 20.29
N GLN C 63 7.58 17.29 19.17
CA GLN C 63 7.90 16.11 18.34
C GLN C 63 9.27 16.22 17.70
N LEU C 64 9.56 17.36 17.06
CA LEU C 64 10.85 17.57 16.43
C LEU C 64 11.96 17.60 17.48
N MET C 65 11.75 18.35 18.58
CA MET C 65 12.73 18.44 19.67
C MET C 65 13.20 17.06 20.12
N THR C 66 12.24 16.13 20.37
CA THR C 66 12.44 14.73 20.77
C THR C 66 13.26 13.98 19.69
N LEU C 67 12.87 14.20 18.40
CA LEU C 67 13.50 13.59 17.23
C LEU C 67 14.96 14.00 17.12
N ILE C 68 15.24 15.31 17.26
CA ILE C 68 16.61 15.84 17.19
C ILE C 68 17.44 15.27 18.37
N SER C 69 16.80 15.12 19.55
CA SER C 69 17.41 14.55 20.76
C SER C 69 17.85 13.12 20.50
N ALA C 70 16.95 12.33 19.81
CA ALA C 70 17.18 10.95 19.42
C ALA C 70 18.40 10.87 18.52
N ALA C 71 18.49 11.78 17.52
CA ALA C 71 19.63 11.85 16.60
C ALA C 71 20.95 12.06 17.34
N ARG C 72 20.94 12.96 18.40
CA ARG C 72 22.09 13.26 19.26
C ARG C 72 22.50 11.97 20.02
N GLU C 73 21.53 11.30 20.68
CA GLU C 73 21.70 10.06 21.46
C GLU C 73 22.29 8.87 20.65
N TYR C 74 21.91 8.78 19.35
CA TYR C 74 22.31 7.71 18.46
C TYR C 74 23.50 8.08 17.58
N GLU C 75 24.13 9.22 17.88
CA GLU C 75 25.32 9.70 17.20
C GLU C 75 25.09 9.89 15.71
N ILE C 76 23.94 10.49 15.36
CA ILE C 76 23.50 10.80 13.99
C ILE C 76 23.32 12.30 13.84
N GLU C 77 23.90 12.86 12.77
CA GLU C 77 23.82 14.27 12.50
C GLU C 77 22.47 14.56 11.89
N PHE C 78 21.67 15.39 12.54
CA PHE C 78 20.37 15.69 11.98
C PHE C 78 20.50 16.95 11.19
N ILE C 79 20.35 16.83 9.84
CA ILE C 79 20.39 17.91 8.86
C ILE C 79 18.94 18.28 8.51
N TYR C 80 18.51 19.50 8.83
CA TYR C 80 17.15 19.90 8.52
C TYR C 80 17.12 20.68 7.23
N ALA C 81 16.35 20.18 6.28
CA ALA C 81 16.20 20.78 4.97
C ALA C 81 14.89 21.50 4.85
N ILE C 82 14.90 22.56 4.04
CA ILE C 82 13.73 23.37 3.70
C ILE C 82 13.78 23.65 2.20
N SER C 83 12.59 23.62 1.53
CA SER C 83 12.44 23.82 0.09
C SER C 83 11.50 25.01 -0.22
N PRO C 84 12.03 26.22 -0.45
CA PRO C 84 11.14 27.37 -0.74
C PRO C 84 10.76 27.62 -2.22
N GLY C 85 11.63 27.18 -3.14
CA GLY C 85 11.55 27.31 -4.60
C GLY C 85 10.22 27.51 -5.31
N LEU C 86 9.15 26.86 -4.83
CA LEU C 86 7.80 26.94 -5.41
C LEU C 86 7.27 28.36 -5.61
N ASP C 87 7.10 29.12 -4.50
CA ASP C 87 6.54 30.47 -4.47
C ASP C 87 7.41 31.59 -3.84
N ILE C 88 8.70 31.33 -3.50
CA ILE C 88 9.54 32.38 -2.91
C ILE C 88 9.87 33.46 -3.93
N THR C 89 9.90 34.72 -3.43
CA THR C 89 10.24 35.94 -4.15
C THR C 89 11.57 36.37 -3.55
N PHE C 90 12.66 35.82 -4.14
CA PHE C 90 14.09 35.95 -3.83
C PHE C 90 14.55 37.35 -3.37
N SER C 91 14.12 38.43 -4.10
CA SER C 91 14.43 39.85 -3.85
C SER C 91 13.74 40.45 -2.60
N ASN C 92 12.41 40.22 -2.43
CA ASN C 92 11.63 40.74 -1.30
C ASN C 92 12.31 40.31 0.01
N PRO C 93 12.82 41.27 0.83
CA PRO C 93 13.52 40.87 2.07
C PRO C 93 12.60 40.36 3.17
N LYS C 94 11.27 40.49 2.97
CA LYS C 94 10.25 39.99 3.90
C LYS C 94 10.28 38.45 3.79
N GLU C 95 10.50 37.94 2.54
CA GLU C 95 10.60 36.50 2.24
C GLU C 95 11.80 35.94 2.97
N VAL C 96 13.00 36.49 2.67
CA VAL C 96 14.29 36.14 3.27
C VAL C 96 14.24 36.22 4.80
N SER C 97 13.45 37.19 5.34
CA SER C 97 13.24 37.39 6.76
C SER C 97 12.45 36.19 7.34
N THR C 98 11.27 35.83 6.73
CA THR C 98 10.38 34.71 7.11
C THR C 98 11.15 33.37 7.16
N LEU C 99 12.05 33.17 6.17
CA LEU C 99 12.94 31.99 6.01
C LEU C 99 13.93 31.92 7.18
N LYS C 100 14.45 33.08 7.59
CA LYS C 100 15.38 33.25 8.70
C LYS C 100 14.62 32.93 10.00
N ARG C 101 13.34 33.43 10.15
CA ARG C 101 12.50 33.20 11.34
C ARG C 101 12.21 31.71 11.54
N LYS C 102 11.96 30.99 10.41
CA LYS C 102 11.66 29.55 10.38
C LYS C 102 12.85 28.76 10.88
N LEU C 103 14.01 28.94 10.24
CA LEU C 103 15.24 28.26 10.63
C LEU C 103 15.63 28.53 12.09
N ASP C 104 15.36 29.78 12.58
CA ASP C 104 15.65 30.21 13.95
C ASP C 104 14.89 29.33 14.93
N GLN C 105 13.62 28.99 14.60
CA GLN C 105 12.75 28.12 15.39
C GLN C 105 13.35 26.72 15.51
N VAL C 106 13.83 26.22 14.35
CA VAL C 106 14.44 24.91 14.18
C VAL C 106 15.73 24.84 14.99
N SER C 107 16.48 25.96 15.08
CA SER C 107 17.72 26.04 15.85
C SER C 107 17.40 25.87 17.33
N GLN C 108 16.22 26.36 17.78
CA GLN C 108 15.76 26.24 19.18
C GLN C 108 15.46 24.79 19.56
N PHE C 109 15.16 23.91 18.56
CA PHE C 109 14.84 22.52 18.80
C PHE C 109 16.09 21.69 19.11
N GLY C 110 17.23 22.22 18.71
CA GLY C 110 18.54 21.59 18.92
C GLY C 110 19.26 21.20 17.64
N CYS C 111 18.84 21.77 16.49
CA CYS C 111 19.40 21.53 15.17
C CYS C 111 20.57 22.47 14.91
N ARG C 112 21.65 21.89 14.41
CA ARG C 112 22.87 22.63 14.11
C ARG C 112 23.21 22.61 12.62
N SER C 113 22.75 21.57 11.88
CA SER C 113 22.97 21.40 10.45
C SER C 113 21.71 21.67 9.63
N PHE C 114 21.86 22.46 8.57
CA PHE C 114 20.74 22.83 7.72
C PHE C 114 21.02 22.58 6.26
N ALA C 115 19.97 22.71 5.44
CA ALA C 115 20.03 22.53 4.00
C ALA C 115 18.94 23.34 3.33
N LEU C 116 19.32 24.05 2.26
CA LEU C 116 18.40 24.83 1.44
C LEU C 116 18.26 24.06 0.13
N LEU C 117 17.01 23.64 -0.21
CA LEU C 117 16.77 22.86 -1.43
C LEU C 117 16.03 23.61 -2.50
N PHE C 118 16.59 23.62 -3.72
CA PHE C 118 16.01 24.29 -4.88
C PHE C 118 15.82 23.30 -6.05
N ASP C 119 15.34 22.11 -5.72
CA ASP C 119 15.10 20.99 -6.63
C ASP C 119 13.63 20.81 -6.96
N ASP C 120 13.37 20.31 -8.21
CA ASP C 120 12.06 20.02 -8.79
C ASP C 120 11.12 21.26 -8.76
N ILE C 121 11.71 22.41 -9.13
CA ILE C 121 11.08 23.71 -9.20
C ILE C 121 11.21 24.36 -10.59
N ASP C 122 10.17 25.12 -10.98
CA ASP C 122 10.05 25.87 -12.22
C ASP C 122 11.31 26.75 -12.39
N HIS C 123 12.03 26.59 -13.52
CA HIS C 123 13.26 27.34 -13.79
C HIS C 123 13.06 28.87 -14.03
N ASN C 124 11.79 29.34 -14.03
CA ASN C 124 11.39 30.73 -14.27
C ASN C 124 11.27 31.58 -13.04
N MET C 125 11.94 32.77 -13.05
CA MET C 125 11.95 33.79 -11.99
C MET C 125 10.79 34.76 -12.22
N CYS C 126 10.21 35.31 -11.13
CA CYS C 126 9.13 36.29 -11.28
C CYS C 126 9.77 37.58 -11.80
N ALA C 127 8.96 38.43 -12.48
CA ALA C 127 9.43 39.70 -13.04
C ALA C 127 10.22 40.57 -12.02
N ALA C 128 9.76 40.64 -10.73
CA ALA C 128 10.40 41.37 -9.63
C ALA C 128 11.83 40.87 -9.37
N ASP C 129 12.00 39.54 -9.29
CA ASP C 129 13.28 38.87 -9.06
C ASP C 129 14.15 38.97 -10.31
N LYS C 130 13.52 38.84 -11.51
CA LYS C 130 14.19 38.94 -12.82
C LYS C 130 15.04 40.20 -12.87
N GLU C 131 14.49 41.32 -12.34
CA GLU C 131 15.10 42.64 -12.25
C GLU C 131 16.38 42.59 -11.38
N VAL C 132 16.19 42.34 -10.07
CA VAL C 132 17.20 42.30 -9.01
C VAL C 132 18.37 41.29 -9.25
N PHE C 133 18.11 40.09 -9.84
CA PHE C 133 19.15 39.07 -10.07
C PHE C 133 19.36 38.70 -11.55
N SER C 134 20.65 38.55 -11.98
CA SER C 134 21.04 38.19 -13.36
C SER C 134 20.36 36.87 -13.80
N SER C 135 20.94 35.71 -13.42
CA SER C 135 20.37 34.40 -13.72
C SER C 135 19.67 33.83 -12.46
N PHE C 136 18.91 32.72 -12.64
CA PHE C 136 18.17 32.01 -11.58
C PHE C 136 19.15 31.58 -10.49
N ALA C 137 20.33 31.09 -10.92
CA ALA C 137 21.43 30.66 -10.06
C ALA C 137 21.92 31.80 -9.17
N HIS C 138 21.96 33.05 -9.71
CA HIS C 138 22.39 34.24 -8.96
C HIS C 138 21.49 34.52 -7.74
N ALA C 139 20.17 34.36 -7.93
CA ALA C 139 19.18 34.55 -6.87
C ALA C 139 19.30 33.48 -5.78
N GLN C 140 19.47 32.22 -6.21
CA GLN C 140 19.61 31.06 -5.34
C GLN C 140 20.86 31.10 -4.50
N VAL C 141 22.02 31.42 -5.14
CA VAL C 141 23.33 31.54 -4.51
C VAL C 141 23.31 32.69 -3.46
N SER C 142 22.62 33.81 -3.80
CA SER C 142 22.45 34.99 -2.94
C SER C 142 21.76 34.63 -1.62
N ILE C 143 20.49 34.17 -1.69
CA ILE C 143 19.68 33.79 -0.52
C ILE C 143 20.34 32.66 0.30
N THR C 144 21.04 31.72 -0.35
CA THR C 144 21.72 30.62 0.32
C THR C 144 22.88 31.14 1.13
N ASN C 145 23.82 31.89 0.48
CA ASN C 145 24.99 32.48 1.15
C ASN C 145 24.53 33.33 2.34
N GLU C 146 23.44 34.13 2.14
CA GLU C 146 22.87 34.95 3.19
C GLU C 146 22.43 34.10 4.39
N ILE C 147 21.64 33.01 4.17
CA ILE C 147 21.17 32.09 5.22
C ILE C 147 22.36 31.39 5.89
N TYR C 148 23.38 31.00 5.10
CA TYR C 148 24.58 30.33 5.59
C TYR C 148 25.27 31.22 6.61
N GLN C 149 25.53 32.48 6.22
CA GLN C 149 26.17 33.48 7.05
C GLN C 149 25.31 33.82 8.24
N TYR C 150 24.00 34.16 8.02
CA TYR C 150 23.03 34.46 9.09
C TYR C 150 23.00 33.32 10.12
N LEU C 151 23.03 32.06 9.69
CA LEU C 151 23.03 30.91 10.60
C LEU C 151 24.39 30.68 11.31
N GLY C 152 25.30 31.64 11.18
CA GLY C 152 26.62 31.57 11.78
C GLY C 152 27.50 30.53 11.14
N GLU C 153 27.44 30.48 9.78
CA GLU C 153 28.18 29.57 8.89
C GLU C 153 28.31 28.15 9.48
N PRO C 154 27.18 27.38 9.59
CA PRO C 154 27.26 26.02 10.19
C PRO C 154 28.32 25.10 9.58
N GLU C 155 28.80 24.11 10.36
CA GLU C 155 29.80 23.16 9.87
C GLU C 155 29.22 22.44 8.66
N THR C 156 27.89 22.13 8.74
CA THR C 156 27.15 21.44 7.69
C THR C 156 26.01 22.29 7.15
N PHE C 157 26.19 22.75 5.92
CA PHE C 157 25.20 23.51 5.15
C PHE C 157 25.19 22.94 3.73
N LEU C 158 24.07 22.27 3.36
CA LEU C 158 23.90 21.66 2.04
C LEU C 158 23.03 22.54 1.18
N PHE C 159 23.33 22.56 -0.10
CA PHE C 159 22.56 23.32 -1.06
C PHE C 159 22.17 22.39 -2.19
N CYS C 160 20.85 22.35 -2.57
CA CYS C 160 20.48 21.51 -3.72
C CYS C 160 20.20 22.33 -4.95
N PRO C 161 21.02 22.17 -6.01
CA PRO C 161 20.78 22.92 -7.25
C PRO C 161 19.57 22.36 -8.00
N THR C 162 18.98 23.14 -8.93
CA THR C 162 17.84 22.69 -9.73
C THR C 162 18.32 21.68 -10.76
N GLU C 163 19.51 21.96 -11.36
CA GLU C 163 20.20 21.12 -12.33
C GLU C 163 21.05 20.17 -11.43
N TYR C 164 20.37 19.18 -10.76
CA TYR C 164 21.01 18.25 -9.80
C TYR C 164 21.62 16.94 -10.37
N CYS C 165 21.52 16.71 -11.69
CA CYS C 165 22.08 15.55 -12.41
C CYS C 165 22.50 15.98 -13.83
N GLY C 166 23.24 15.11 -14.52
CA GLY C 166 23.74 15.37 -15.88
C GLY C 166 22.69 15.61 -16.95
N THR C 167 21.68 14.73 -16.99
CA THR C 167 20.57 14.80 -17.95
C THR C 167 19.60 15.96 -17.67
N PHE C 168 20.04 16.95 -16.87
CA PHE C 168 19.28 18.14 -16.46
C PHE C 168 20.11 19.37 -16.75
N CYS C 169 21.37 19.17 -17.15
CA CYS C 169 22.31 20.25 -17.43
C CYS C 169 22.31 20.68 -18.91
N TYR C 170 21.92 21.96 -19.11
CA TYR C 170 21.75 22.71 -20.35
C TYR C 170 22.92 23.73 -20.49
N PRO C 171 23.85 23.60 -21.48
CA PRO C 171 23.94 22.61 -22.58
C PRO C 171 24.38 21.20 -22.15
N ASN C 172 25.30 21.12 -21.20
CA ASN C 172 25.86 19.88 -20.66
C ASN C 172 26.45 20.22 -19.29
N VAL C 173 27.04 19.24 -18.57
CA VAL C 173 27.62 19.51 -17.23
C VAL C 173 28.84 20.46 -17.31
N SER C 174 29.87 20.11 -18.12
CA SER C 174 31.12 20.88 -18.29
C SER C 174 30.93 22.35 -18.70
N GLN C 175 29.85 22.68 -19.47
CA GLN C 175 29.60 24.05 -19.94
C GLN C 175 28.25 24.66 -19.49
N SER C 176 27.66 24.20 -18.36
CA SER C 176 26.39 24.77 -17.92
C SER C 176 26.58 26.12 -17.25
N PRO C 177 25.95 27.18 -17.81
CA PRO C 177 26.10 28.53 -17.21
C PRO C 177 25.49 28.65 -15.82
N TYR C 178 24.52 27.76 -15.47
CA TYR C 178 23.88 27.68 -14.16
C TYR C 178 24.93 27.17 -13.18
N LEU C 179 25.53 25.98 -13.49
CA LEU C 179 26.54 25.35 -12.64
C LEU C 179 27.77 26.23 -12.37
N ARG C 180 28.24 27.00 -13.38
CA ARG C 180 29.39 27.92 -13.26
C ARG C 180 29.11 28.95 -12.17
N THR C 181 27.89 29.56 -12.20
CA THR C 181 27.42 30.56 -11.23
C THR C 181 27.53 29.95 -9.81
N VAL C 182 26.97 28.73 -9.63
CA VAL C 182 27.00 27.99 -8.37
C VAL C 182 28.49 27.82 -7.94
N GLY C 183 29.28 27.16 -8.78
CA GLY C 183 30.70 26.89 -8.54
C GLY C 183 31.49 28.09 -8.08
N GLU C 184 31.30 29.23 -8.75
CA GLU C 184 32.00 30.47 -8.45
C GLU C 184 31.42 31.29 -7.28
N LYS C 185 30.18 31.80 -7.45
CA LYS C 185 29.54 32.64 -6.45
C LYS C 185 29.09 31.91 -5.15
N LEU C 186 28.69 30.61 -5.20
CA LEU C 186 28.29 29.90 -3.97
C LEU C 186 29.50 29.70 -3.06
N LEU C 187 29.42 30.21 -1.83
CA LEU C 187 30.46 30.14 -0.80
C LEU C 187 31.13 28.76 -0.70
N PRO C 188 32.49 28.72 -0.59
CA PRO C 188 33.18 27.42 -0.49
C PRO C 188 32.87 26.60 0.74
N GLY C 189 32.17 27.19 1.72
CA GLY C 189 31.78 26.48 2.92
C GLY C 189 30.68 25.47 2.66
N ILE C 190 29.61 25.94 1.96
CA ILE C 190 28.39 25.20 1.58
C ILE C 190 28.66 24.03 0.63
N GLU C 191 28.07 22.83 0.94
CA GLU C 191 28.19 21.62 0.12
C GLU C 191 27.07 21.62 -0.90
N VAL C 192 27.28 20.94 -2.05
CA VAL C 192 26.30 20.88 -3.15
C VAL C 192 25.82 19.45 -3.37
N LEU C 193 24.49 19.25 -3.40
CA LEU C 193 23.89 17.94 -3.63
C LEU C 193 23.86 17.61 -5.12
N TRP C 194 24.06 16.30 -5.44
CA TRP C 194 24.12 15.72 -6.78
C TRP C 194 23.49 14.31 -6.81
N THR C 195 22.76 13.95 -7.89
CA THR C 195 22.10 12.63 -8.05
C THR C 195 22.84 11.71 -9.03
N GLY C 196 23.94 12.24 -9.57
CA GLY C 196 24.79 11.57 -10.54
C GLY C 196 24.43 11.95 -11.96
N PRO C 197 24.75 11.10 -12.94
CA PRO C 197 24.38 11.44 -14.34
C PRO C 197 22.86 11.49 -14.62
N LYS C 198 22.02 10.91 -13.76
CA LYS C 198 20.57 10.89 -13.97
C LYS C 198 19.81 11.05 -12.63
N VAL C 199 18.45 11.08 -12.67
CA VAL C 199 17.66 11.18 -11.45
C VAL C 199 17.80 9.84 -10.68
N VAL C 200 17.78 8.70 -11.40
CA VAL C 200 18.00 7.34 -10.87
C VAL C 200 19.19 6.79 -11.66
N SER C 201 20.43 7.11 -11.23
CA SER C 201 21.64 6.68 -11.93
C SER C 201 21.89 5.17 -11.80
N LYS C 202 21.98 4.44 -12.94
CA LYS C 202 22.23 2.99 -12.93
C LYS C 202 23.67 2.83 -12.43
N GLU C 203 24.54 3.69 -12.97
CA GLU C 203 25.95 3.76 -12.64
C GLU C 203 26.29 5.21 -12.31
N ILE C 204 27.37 5.40 -11.54
CA ILE C 204 27.92 6.71 -11.19
C ILE C 204 29.45 6.61 -11.51
N PRO C 205 29.83 6.90 -12.77
CA PRO C 205 31.24 6.83 -13.16
C PRO C 205 32.09 7.94 -12.54
N VAL C 206 33.29 7.57 -12.07
CA VAL C 206 34.28 8.45 -11.42
C VAL C 206 34.51 9.74 -12.24
N GLU C 207 34.59 9.58 -13.58
CA GLU C 207 34.80 10.68 -14.52
C GLU C 207 33.61 11.65 -14.57
N SER C 208 32.38 11.16 -14.22
CA SER C 208 31.18 12.00 -14.18
C SER C 208 31.29 12.91 -12.97
N ILE C 209 31.87 12.38 -11.87
CA ILE C 209 32.07 13.11 -10.61
C ILE C 209 33.27 14.04 -10.75
N GLU C 210 34.23 13.70 -11.63
CA GLU C 210 35.36 14.59 -11.85
C GLU C 210 34.92 15.76 -12.76
N GLU C 211 33.91 15.52 -13.64
CA GLU C 211 33.33 16.49 -14.58
C GLU C 211 32.50 17.55 -13.84
N VAL C 212 31.69 17.11 -12.89
CA VAL C 212 30.83 18.01 -12.15
C VAL C 212 31.61 18.75 -11.05
N SER C 213 32.59 18.09 -10.41
CA SER C 213 33.41 18.69 -9.36
C SER C 213 34.13 19.89 -9.91
N LYS C 214 34.61 19.76 -11.17
CA LYS C 214 35.32 20.76 -11.99
C LYS C 214 34.54 22.10 -12.03
N ILE C 215 33.25 22.04 -12.43
CA ILE C 215 32.38 23.20 -12.53
C ILE C 215 31.88 23.67 -11.15
N ILE C 216 31.48 22.75 -10.24
CA ILE C 216 30.98 23.15 -8.90
C ILE C 216 32.13 23.57 -7.97
N LYS C 217 33.39 23.41 -8.45
CA LYS C 217 34.63 23.75 -7.74
C LYS C 217 34.75 23.08 -6.32
N ARG C 218 34.27 21.81 -6.19
CA ARG C 218 34.27 21.01 -4.96
C ARG C 218 33.72 19.57 -5.19
N ALA C 219 33.90 18.66 -4.20
CA ALA C 219 33.37 17.31 -4.28
C ALA C 219 31.89 17.36 -3.85
N PRO C 220 31.00 16.76 -4.64
CA PRO C 220 29.57 16.82 -4.28
C PRO C 220 29.18 15.82 -3.20
N VAL C 221 27.99 16.01 -2.63
CA VAL C 221 27.42 15.11 -1.64
C VAL C 221 26.31 14.44 -2.44
N ILE C 222 26.43 13.13 -2.65
CA ILE C 222 25.46 12.37 -3.43
C ILE C 222 24.13 12.17 -2.69
N TRP C 223 23.05 12.39 -3.41
CA TRP C 223 21.70 12.15 -2.96
C TRP C 223 21.38 11.00 -3.91
N ASP C 224 21.52 9.75 -3.43
CA ASP C 224 21.31 8.58 -4.26
C ASP C 224 19.85 8.13 -4.33
N ASN C 225 19.34 7.80 -5.56
CA ASN C 225 17.95 7.38 -5.80
C ASN C 225 17.80 5.90 -6.27
N ILE C 226 18.91 5.11 -6.13
CA ILE C 226 19.01 3.68 -6.49
C ILE C 226 17.81 2.84 -5.96
N HIS C 227 17.37 3.08 -4.71
CA HIS C 227 16.26 2.33 -4.14
C HIS C 227 14.99 3.17 -3.97
N ALA C 228 14.98 4.39 -4.53
CA ALA C 228 13.80 5.26 -4.44
C ALA C 228 12.69 4.68 -5.32
N ASN C 229 11.44 4.66 -4.84
CA ASN C 229 10.34 4.05 -5.57
C ASN C 229 9.08 4.95 -5.66
N ASP C 230 9.30 6.24 -5.80
CA ASP C 230 8.22 7.19 -5.89
C ASP C 230 8.11 7.77 -7.35
N TYR C 231 8.13 6.86 -8.35
CA TYR C 231 7.98 7.18 -9.78
C TYR C 231 7.16 6.07 -10.52
N ASP C 232 6.62 5.06 -9.71
CA ASP C 232 5.78 3.84 -9.96
C ASP C 232 5.78 2.94 -8.66
N GLN C 233 4.90 3.27 -7.68
CA GLN C 233 4.71 2.58 -6.37
C GLN C 233 4.30 1.09 -6.53
N LYS C 234 4.48 0.55 -7.76
CA LYS C 234 4.19 -0.83 -8.19
C LYS C 234 5.46 -1.65 -7.95
N ARG C 235 6.59 -0.92 -7.70
CA ARG C 235 7.92 -1.50 -7.50
C ARG C 235 8.55 -1.24 -6.13
N LEU C 236 9.15 -2.29 -5.56
CA LEU C 236 9.88 -2.38 -4.29
C LEU C 236 11.31 -2.80 -4.67
N PHE C 237 12.30 -2.20 -4.03
CA PHE C 237 13.68 -2.52 -4.36
C PHE C 237 14.47 -3.07 -3.18
N LEU C 238 14.63 -4.41 -3.16
CA LEU C 238 15.36 -5.10 -2.08
C LEU C 238 16.80 -5.52 -2.50
N GLY C 239 17.27 -5.00 -3.62
CA GLY C 239 18.60 -5.30 -4.13
C GLY C 239 19.72 -4.60 -3.36
N PRO C 240 21.00 -4.88 -3.69
CA PRO C 240 22.08 -4.21 -2.95
C PRO C 240 22.58 -2.94 -3.60
N TYR C 241 23.13 -1.97 -2.80
CA TYR C 241 23.74 -0.75 -3.34
C TYR C 241 24.76 -1.26 -4.38
N LYS C 242 24.65 -0.79 -5.61
CA LYS C 242 25.45 -1.31 -6.72
C LYS C 242 25.54 -0.26 -7.82
N GLY C 243 26.67 -0.27 -8.53
CA GLY C 243 26.91 0.64 -9.66
C GLY C 243 27.71 1.87 -9.29
N ARG C 244 28.26 1.89 -8.08
CA ARG C 244 29.05 3.01 -7.60
C ARG C 244 30.34 2.45 -7.03
N SER C 245 31.46 2.82 -7.68
CA SER C 245 32.82 2.41 -7.33
C SER C 245 33.22 2.82 -5.89
N THR C 246 33.93 1.94 -5.16
CA THR C 246 34.45 2.30 -3.83
C THR C 246 35.50 3.41 -4.09
N GLU C 247 35.93 3.54 -5.38
CA GLU C 247 36.90 4.53 -5.90
C GLU C 247 36.25 5.93 -6.04
N LEU C 248 35.00 6.08 -5.56
CA LEU C 248 34.29 7.34 -5.57
C LEU C 248 34.41 7.94 -4.16
N ILE C 249 34.43 7.09 -3.12
CA ILE C 249 34.48 7.49 -1.71
C ILE C 249 35.53 8.61 -1.46
N PRO C 250 36.80 8.55 -1.94
CA PRO C 250 37.72 9.68 -1.69
C PRO C 250 37.43 10.92 -2.54
N ARG C 251 36.65 10.78 -3.63
CA ARG C 251 36.27 11.86 -4.53
C ARG C 251 34.86 12.47 -4.22
N LEU C 252 34.28 12.16 -3.05
CA LEU C 252 32.99 12.70 -2.67
C LEU C 252 32.93 13.19 -1.24
N LYS C 253 32.03 14.13 -0.95
CA LYS C 253 31.89 14.60 0.41
C LYS C 253 30.84 13.76 1.17
N GLY C 254 30.14 12.90 0.44
CA GLY C 254 29.14 12.03 1.06
C GLY C 254 28.23 11.27 0.13
N VAL C 255 27.36 10.43 0.73
CA VAL C 255 26.32 9.62 0.09
C VAL C 255 25.11 9.51 1.05
N LEU C 256 24.00 10.12 0.67
CA LEU C 256 22.81 10.03 1.48
C LEU C 256 21.86 9.36 0.54
N THR C 257 21.34 8.18 0.92
CA THR C 257 20.44 7.48 0.03
C THR C 257 18.96 7.77 0.35
N ASN C 258 18.18 8.03 -0.71
CA ASN C 258 16.75 8.29 -0.72
C ASN C 258 16.20 6.93 -1.14
N PRO C 259 15.63 6.21 -0.19
CA PRO C 259 15.19 4.85 -0.47
C PRO C 259 13.69 4.64 -0.73
N ASN C 260 13.18 3.41 -0.49
CA ASN C 260 11.77 3.03 -0.67
C ASN C 260 10.97 3.79 0.31
N CYS C 261 9.74 4.17 -0.07
CA CYS C 261 8.80 4.92 0.77
C CYS C 261 8.40 4.08 1.98
N GLU C 262 8.32 2.76 1.78
CA GLU C 262 7.99 1.74 2.79
C GLU C 262 9.25 1.65 3.66
N PHE C 263 9.20 2.25 4.87
CA PHE C 263 10.33 2.31 5.76
C PHE C 263 10.98 0.95 6.03
N GLU C 264 10.18 -0.11 6.32
CA GLU C 264 10.67 -1.47 6.62
C GLU C 264 11.53 -2.10 5.51
N ALA C 265 11.22 -1.74 4.23
CA ALA C 265 11.82 -2.16 2.97
C ALA C 265 13.26 -1.71 2.78
N ASN C 266 13.70 -0.69 3.54
CA ASN C 266 15.04 -0.13 3.40
C ASN C 266 16.23 -0.83 4.18
N TYR C 267 15.98 -1.98 4.87
CA TYR C 267 17.03 -2.70 5.60
C TYR C 267 18.22 -2.95 4.68
N VAL C 268 18.02 -3.78 3.63
CA VAL C 268 19.04 -4.16 2.65
C VAL C 268 19.77 -2.94 2.01
N ALA C 269 19.03 -1.87 1.64
CA ALA C 269 19.62 -0.69 1.01
C ALA C 269 20.49 0.15 1.94
N ILE C 270 20.14 0.25 3.23
CA ILE C 270 20.97 1.02 4.17
C ILE C 270 22.20 0.15 4.58
N HIS C 271 21.95 -1.13 5.02
CA HIS C 271 22.96 -2.09 5.41
C HIS C 271 24.02 -2.20 4.30
N THR C 272 23.61 -2.34 2.99
CA THR C 272 24.57 -2.45 1.87
C THR C 272 25.30 -1.13 1.64
N LEU C 273 24.63 0.02 1.85
CA LEU C 273 25.30 1.31 1.71
C LEU C 273 26.46 1.39 2.74
N ALA C 274 26.20 0.92 3.99
CA ALA C 274 27.14 0.86 5.10
C ALA C 274 28.35 -0.01 4.69
N THR C 275 28.10 -1.29 4.32
CA THR C 275 29.09 -2.26 3.85
C THR C 275 29.95 -1.63 2.72
N TRP C 276 29.35 -0.80 1.84
CA TRP C 276 30.06 -0.13 0.76
C TRP C 276 31.03 0.91 1.31
N TYR C 277 30.53 1.90 2.09
CA TYR C 277 31.34 2.97 2.70
C TYR C 277 32.45 2.41 3.57
N LYS C 278 32.10 1.53 4.54
CA LYS C 278 33.02 0.86 5.46
C LYS C 278 34.18 0.17 4.71
N SER C 279 33.88 -0.51 3.59
CA SER C 279 34.84 -1.24 2.73
C SER C 279 36.03 -0.40 2.23
N ASN C 280 35.91 0.94 2.21
CA ASN C 280 36.98 1.79 1.72
C ASN C 280 36.88 3.23 2.19
N MET C 281 36.65 3.45 3.51
CA MET C 281 36.55 4.82 4.06
C MET C 281 37.81 5.66 3.69
N ASN C 282 39.01 5.07 3.87
CA ASN C 282 40.34 5.63 3.66
C ASN C 282 40.92 5.43 2.21
N GLY C 283 40.94 6.50 1.42
CA GLY C 283 41.43 6.47 0.05
C GLY C 283 42.76 7.18 -0.16
N VAL C 317 38.94 -5.42 -5.74
CA VAL C 317 37.48 -5.38 -5.58
C VAL C 317 37.13 -5.43 -4.10
N LEU C 318 37.09 -4.26 -3.44
CA LEU C 318 36.80 -4.19 -2.00
C LEU C 318 35.36 -4.49 -1.64
N TYR C 319 34.44 -4.30 -2.62
CA TYR C 319 33.00 -4.48 -2.46
C TYR C 319 32.35 -5.33 -3.54
N SER C 320 31.48 -6.24 -3.12
CA SER C 320 30.70 -7.10 -4.00
C SER C 320 29.22 -6.91 -3.65
N PRO C 321 28.38 -6.36 -4.59
CA PRO C 321 26.95 -6.18 -4.28
C PRO C 321 26.31 -7.49 -3.88
N GLN C 322 26.58 -8.52 -4.65
CA GLN C 322 26.10 -9.88 -4.42
C GLN C 322 26.48 -10.40 -3.00
N MET C 323 27.70 -10.05 -2.57
CA MET C 323 28.19 -10.45 -1.27
C MET C 323 27.52 -9.64 -0.17
N ALA C 324 27.55 -8.28 -0.32
CA ALA C 324 26.96 -7.28 0.58
C ALA C 324 25.53 -7.63 0.85
N LEU C 325 24.80 -8.09 -0.21
CA LEU C 325 23.41 -8.50 -0.14
C LEU C 325 23.25 -9.64 0.82
N LYS C 326 24.09 -10.72 0.70
CA LYS C 326 23.97 -11.86 1.60
C LYS C 326 24.08 -11.40 3.05
N LEU C 327 25.09 -10.53 3.33
CA LEU C 327 25.37 -9.99 4.67
C LEU C 327 24.17 -9.30 5.20
N ALA C 328 23.58 -8.40 4.35
CA ALA C 328 22.38 -7.65 4.66
C ALA C 328 21.24 -8.58 5.00
N LEU C 329 21.00 -9.57 4.14
CA LEU C 329 19.93 -10.57 4.26
C LEU C 329 20.03 -11.43 5.50
N THR C 330 21.27 -11.75 5.94
CA THR C 330 21.47 -12.56 7.14
C THR C 330 21.11 -11.77 8.39
N GLU C 331 21.41 -10.45 8.39
CA GLU C 331 21.13 -9.58 9.53
C GLU C 331 19.63 -9.38 9.69
N TRP C 332 18.96 -9.13 8.56
CA TRP C 332 17.52 -8.88 8.47
C TRP C 332 16.70 -10.04 9.03
N LEU C 333 17.07 -11.28 8.66
CA LEU C 333 16.39 -12.49 9.10
C LEU C 333 16.04 -12.50 10.58
N GLN C 334 16.87 -11.80 11.39
CA GLN C 334 16.70 -11.71 12.83
C GLN C 334 15.46 -10.94 13.27
N GLU C 335 15.09 -9.89 12.51
CA GLU C 335 13.95 -9.00 12.76
C GLU C 335 12.57 -9.67 12.66
N PHE C 336 12.48 -10.82 11.98
CA PHE C 336 11.21 -11.50 11.73
C PHE C 336 10.71 -12.40 12.89
N GLY C 337 11.62 -13.16 13.54
CA GLY C 337 11.31 -14.08 14.63
C GLY C 337 10.58 -13.50 15.82
N MET D 1 -6.72 -40.73 17.10
CA MET D 1 -5.77 -39.62 17.11
C MET D 1 -6.42 -38.25 16.89
N GLU D 2 -5.84 -37.21 17.50
CA GLU D 2 -6.36 -35.84 17.45
C GLU D 2 -5.84 -34.99 16.27
N LYS D 3 -6.36 -33.73 16.18
CA LYS D 3 -6.03 -32.75 15.14
C LYS D 3 -4.77 -31.97 15.49
N PRO D 4 -3.77 -31.99 14.57
CA PRO D 4 -2.51 -31.27 14.84
C PRO D 4 -2.64 -29.76 15.05
N LEU D 5 -2.02 -29.26 16.14
CA LEU D 5 -2.02 -27.84 16.49
C LEU D 5 -1.35 -27.04 15.39
N TYR D 6 -1.91 -25.85 15.11
CA TYR D 6 -1.39 -24.97 14.08
C TYR D 6 -0.01 -24.50 14.45
N THR D 7 0.91 -24.72 13.53
CA THR D 7 2.29 -24.30 13.75
C THR D 7 2.73 -23.48 12.57
N ALA D 8 3.46 -22.40 12.85
CA ALA D 8 3.95 -21.54 11.78
C ALA D 8 5.41 -21.84 11.56
N GLU D 9 5.82 -21.98 10.30
CA GLU D 9 7.23 -22.23 10.08
C GLU D 9 7.97 -20.87 10.02
N PRO D 10 9.24 -20.77 10.49
CA PRO D 10 9.92 -19.48 10.43
C PRO D 10 10.47 -19.16 9.05
N VAL D 11 10.67 -17.85 8.80
CA VAL D 11 11.24 -17.30 7.58
C VAL D 11 12.70 -17.76 7.57
N THR D 12 13.17 -18.26 6.42
CA THR D 12 14.52 -18.77 6.22
C THR D 12 15.32 -17.72 5.47
N LEU D 13 16.63 -17.83 5.47
CA LEU D 13 17.41 -16.86 4.72
C LEU D 13 17.20 -17.13 3.19
N GLU D 14 16.74 -18.35 2.86
CA GLU D 14 16.46 -18.79 1.49
C GLU D 14 15.23 -18.02 0.99
N ASP D 15 14.19 -17.90 1.87
CA ASP D 15 12.97 -17.15 1.64
C ASP D 15 13.35 -15.70 1.34
N LEU D 16 14.24 -15.14 2.17
CA LEU D 16 14.67 -13.76 2.02
C LEU D 16 15.58 -13.55 0.81
N GLN D 17 16.27 -14.62 0.36
CA GLN D 17 17.14 -14.48 -0.81
C GLN D 17 16.33 -14.53 -2.07
N LEU D 18 15.15 -15.18 -1.99
CA LEU D 18 14.23 -15.26 -3.11
C LEU D 18 13.52 -13.90 -3.17
N LEU D 19 13.10 -13.39 -1.99
CA LEU D 19 12.41 -12.12 -1.85
C LEU D 19 13.24 -10.99 -2.40
N ALA D 20 14.56 -10.99 -2.12
CA ALA D 20 15.46 -9.93 -2.62
C ALA D 20 15.70 -10.04 -4.15
N ASP D 21 15.62 -11.24 -4.71
CA ASP D 21 15.81 -11.41 -6.13
C ASP D 21 14.50 -11.09 -6.88
N LEU D 22 13.33 -11.32 -6.22
CA LEU D 22 12.04 -11.05 -6.85
C LEU D 22 11.84 -9.52 -7.02
N PHE D 23 12.22 -8.75 -5.98
CA PHE D 23 12.14 -7.28 -5.92
C PHE D 23 13.58 -6.85 -5.67
N TYR D 24 14.32 -6.64 -6.77
CA TYR D 24 15.74 -6.34 -6.75
C TYR D 24 16.07 -4.87 -7.00
N LEU D 25 16.37 -4.49 -8.24
CA LEU D 25 16.74 -3.13 -8.57
C LEU D 25 15.87 -2.49 -9.70
N PRO D 26 15.92 -1.15 -9.85
CA PRO D 26 15.10 -0.52 -10.89
C PRO D 26 15.53 -0.86 -12.31
N TYR D 27 16.82 -1.20 -12.51
CA TYR D 27 17.42 -1.50 -13.79
C TYR D 27 17.67 -2.96 -14.11
N GLU D 28 17.38 -3.90 -13.15
CA GLU D 28 17.60 -5.34 -13.35
C GLU D 28 16.93 -6.17 -12.27
N HIS D 29 16.71 -7.46 -12.57
CA HIS D 29 16.12 -8.39 -11.60
C HIS D 29 17.24 -9.19 -11.01
N GLY D 30 16.98 -9.81 -9.86
CA GLY D 30 17.93 -10.67 -9.17
C GLY D 30 18.17 -11.94 -9.95
N PRO D 31 19.37 -12.57 -9.88
CA PRO D 31 19.60 -13.82 -10.66
C PRO D 31 18.44 -14.84 -10.61
N LYS D 32 17.89 -15.14 -9.39
CA LYS D 32 16.78 -16.07 -9.19
C LYS D 32 15.52 -15.62 -9.91
N GLY D 33 15.35 -14.32 -10.03
CA GLY D 33 14.21 -13.70 -10.69
C GLY D 33 14.27 -13.85 -12.19
N ALA D 34 15.42 -13.51 -12.78
CA ALA D 34 15.68 -13.59 -14.22
C ALA D 34 15.66 -15.05 -14.68
N GLN D 35 16.24 -15.97 -13.85
CA GLN D 35 16.30 -17.41 -14.05
C GLN D 35 14.87 -17.99 -14.20
N MET D 36 13.94 -17.54 -13.34
CA MET D 36 12.55 -17.98 -13.35
C MET D 36 11.81 -17.43 -14.53
N LEU D 37 12.12 -16.19 -14.91
CA LEU D 37 11.48 -15.53 -16.04
C LEU D 37 11.88 -16.25 -17.33
N ARG D 38 13.15 -16.71 -17.41
CA ARG D 38 13.69 -17.46 -18.54
C ARG D 38 12.93 -18.78 -18.67
N GLU D 39 13.04 -19.67 -17.66
CA GLU D 39 12.41 -20.99 -17.57
C GLU D 39 10.92 -21.01 -17.93
N PHE D 40 10.18 -19.91 -17.74
CA PHE D 40 8.76 -19.85 -18.09
C PHE D 40 8.61 -19.64 -19.59
N GLN D 41 9.48 -18.79 -20.19
CA GLN D 41 9.48 -18.45 -21.62
C GLN D 41 9.88 -19.66 -22.48
N TRP D 42 10.89 -20.43 -22.02
CA TRP D 42 11.40 -21.64 -22.67
C TRP D 42 10.28 -22.72 -22.64
N LEU D 43 9.68 -22.98 -21.46
CA LEU D 43 8.58 -23.93 -21.26
C LEU D 43 7.31 -23.48 -22.01
N ARG D 44 7.22 -22.20 -22.38
CA ARG D 44 6.04 -21.69 -23.10
C ARG D 44 6.18 -22.07 -24.57
N ALA D 45 7.39 -21.80 -25.12
CA ALA D 45 7.77 -22.06 -26.51
C ALA D 45 7.54 -23.51 -26.92
N ASN D 46 7.95 -24.45 -26.03
CA ASN D 46 7.90 -25.89 -26.22
C ASN D 46 6.56 -26.52 -25.84
N SER D 47 5.95 -27.21 -26.81
CA SER D 47 4.67 -27.93 -26.70
C SER D 47 4.59 -29.05 -27.75
N ILE D 62 10.91 -33.58 -25.93
CA ILE D 62 11.75 -34.50 -25.18
C ILE D 62 11.15 -34.79 -23.80
N GLU D 63 11.89 -35.53 -22.94
CA GLU D 63 11.48 -35.86 -21.57
C GLU D 63 12.00 -34.76 -20.64
N GLU D 64 12.97 -33.92 -21.12
CA GLU D 64 13.57 -32.82 -20.36
C GLU D 64 12.54 -31.79 -19.89
N TRP D 65 11.49 -31.53 -20.71
CA TRP D 65 10.42 -30.60 -20.38
C TRP D 65 9.69 -31.04 -19.11
N ARG D 66 9.72 -32.36 -18.78
CA ARG D 66 9.07 -32.89 -17.56
C ARG D 66 9.80 -32.38 -16.34
N SER D 67 11.15 -32.59 -16.27
CA SER D 67 12.00 -32.13 -15.17
C SER D 67 12.01 -30.58 -15.04
N ARG D 68 12.07 -29.86 -16.20
CA ARG D 68 12.07 -28.40 -16.25
C ARG D 68 10.74 -27.78 -15.82
N ALA D 69 9.60 -28.45 -16.06
CA ALA D 69 8.29 -27.94 -15.63
C ALA D 69 8.09 -28.31 -14.16
N ALA D 70 8.63 -29.48 -13.75
CA ALA D 70 8.56 -29.97 -12.38
C ALA D 70 9.39 -29.06 -11.46
N LYS D 71 10.61 -28.66 -11.91
CA LYS D 71 11.49 -27.77 -11.13
C LYS D 71 10.77 -26.42 -10.96
N PHE D 72 10.27 -25.84 -12.06
CA PHE D 72 9.55 -24.57 -12.11
C PHE D 72 8.32 -24.53 -11.19
N GLU D 73 7.59 -25.65 -11.09
CA GLU D 73 6.42 -25.76 -10.23
C GLU D 73 6.86 -25.73 -8.76
N GLU D 74 8.06 -26.26 -8.48
CA GLU D 74 8.63 -26.28 -7.14
C GLU D 74 9.16 -24.89 -6.78
N MET D 75 9.69 -24.16 -7.78
CA MET D 75 10.24 -22.79 -7.69
C MET D 75 9.15 -21.81 -7.42
N CYS D 76 7.98 -22.03 -8.07
CA CYS D 76 6.78 -21.24 -7.92
C CYS D 76 6.23 -21.47 -6.52
N GLY D 77 6.34 -22.71 -6.03
CA GLY D 77 5.90 -23.15 -4.71
C GLY D 77 6.64 -22.52 -3.56
N LEU D 78 7.90 -22.14 -3.80
CA LEU D 78 8.74 -21.48 -2.81
C LEU D 78 8.26 -20.05 -2.66
N VAL D 79 7.97 -19.38 -3.79
CA VAL D 79 7.45 -18.01 -3.81
C VAL D 79 6.19 -17.94 -2.94
N MET D 80 5.37 -19.02 -2.99
CA MET D 80 4.14 -19.19 -2.22
C MET D 80 4.47 -19.42 -0.73
N GLY D 81 5.39 -20.35 -0.45
CA GLY D 81 5.84 -20.69 0.90
C GLY D 81 6.40 -19.48 1.63
N MET D 82 7.19 -18.69 0.90
CA MET D 82 7.85 -17.47 1.32
C MET D 82 6.81 -16.52 1.88
N PHE D 83 5.69 -16.29 1.15
CA PHE D 83 4.62 -15.40 1.60
C PHE D 83 3.94 -15.96 2.84
N THR D 84 3.63 -17.28 2.85
CA THR D 84 2.99 -17.94 3.99
C THR D 84 3.80 -17.73 5.27
N ARG D 85 5.13 -18.01 5.23
CA ARG D 85 6.04 -17.89 6.37
C ARG D 85 6.27 -16.42 6.75
N LEU D 86 6.26 -15.48 5.75
CA LEU D 86 6.39 -14.05 6.02
C LEU D 86 5.14 -13.59 6.70
N SER D 87 3.99 -14.08 6.23
CA SER D 87 2.67 -13.75 6.76
C SER D 87 2.45 -14.35 8.14
N ASN D 88 3.20 -15.41 8.48
CA ASN D 88 3.07 -16.09 9.75
C ASN D 88 4.01 -15.66 10.84
N CYS D 89 5.10 -14.95 10.52
CA CYS D 89 6.00 -14.58 11.60
C CYS D 89 5.36 -13.57 12.58
N ALA D 90 5.87 -13.54 13.83
CA ALA D 90 5.40 -12.67 14.92
C ALA D 90 5.40 -11.19 14.51
N ASN D 91 6.51 -10.74 13.88
CA ASN D 91 6.65 -9.36 13.43
C ASN D 91 5.87 -9.13 12.11
N ARG D 92 4.61 -8.74 12.26
CA ARG D 92 3.72 -8.46 11.13
C ARG D 92 4.12 -7.14 10.43
N THR D 93 4.63 -6.16 11.21
CA THR D 93 5.07 -4.83 10.82
C THR D 93 5.87 -4.85 9.54
N ILE D 94 6.92 -5.71 9.45
CA ILE D 94 7.73 -5.82 8.23
C ILE D 94 6.85 -6.25 7.06
N LEU D 95 6.13 -7.38 7.21
CA LEU D 95 5.24 -7.93 6.19
C LEU D 95 4.26 -6.88 5.64
N TYR D 96 3.38 -6.35 6.54
CA TYR D 96 2.37 -5.33 6.29
C TYR D 96 2.92 -4.08 5.68
N ASP D 97 4.21 -3.78 5.90
CA ASP D 97 4.79 -2.58 5.31
C ASP D 97 5.07 -2.75 3.79
N MET D 98 4.94 -3.99 3.27
CA MET D 98 5.18 -4.33 1.86
C MET D 98 4.32 -5.53 1.47
N TYR D 99 3.09 -5.61 2.06
CA TYR D 99 2.12 -6.69 1.83
C TYR D 99 1.64 -6.71 0.37
N SER D 100 1.20 -5.55 -0.17
CA SER D 100 0.72 -5.42 -1.55
C SER D 100 1.62 -6.14 -2.58
N TYR D 101 2.92 -5.78 -2.58
CA TYR D 101 3.99 -6.27 -3.43
C TYR D 101 4.16 -7.76 -3.33
N VAL D 102 4.30 -8.28 -2.11
CA VAL D 102 4.51 -9.70 -1.88
C VAL D 102 3.27 -10.48 -2.22
N TRP D 103 2.11 -9.93 -1.88
CA TRP D 103 0.83 -10.57 -2.15
C TRP D 103 0.68 -10.85 -3.66
N ASP D 104 0.91 -9.83 -4.53
CA ASP D 104 0.77 -9.90 -5.98
C ASP D 104 1.61 -10.97 -6.58
N ILE D 105 2.95 -10.84 -6.50
CA ILE D 105 3.89 -11.85 -7.01
C ILE D 105 3.45 -13.25 -6.63
N LYS D 106 3.10 -13.47 -5.35
CA LYS D 106 2.63 -14.77 -4.84
C LYS D 106 1.45 -15.31 -5.69
N SER D 107 0.45 -14.46 -5.98
CA SER D 107 -0.74 -14.78 -6.76
C SER D 107 -0.43 -15.06 -8.23
N ILE D 108 0.30 -14.12 -8.91
CA ILE D 108 0.73 -14.19 -10.32
C ILE D 108 1.53 -15.47 -10.50
N MET D 109 2.36 -15.79 -9.50
CA MET D 109 3.17 -16.98 -9.49
C MET D 109 2.32 -18.23 -9.28
N SER D 110 1.13 -18.11 -8.62
CA SER D 110 0.26 -19.26 -8.37
C SER D 110 -0.51 -19.65 -9.61
N MET D 111 -0.92 -18.63 -10.41
CA MET D 111 -1.61 -18.76 -11.69
C MET D 111 -0.61 -19.37 -12.67
N VAL D 112 0.60 -18.77 -12.74
CA VAL D 112 1.73 -19.22 -13.57
C VAL D 112 2.10 -20.69 -13.22
N LYS D 113 1.84 -21.15 -11.98
CA LYS D 113 2.10 -22.52 -11.53
C LYS D 113 1.09 -23.47 -12.20
N SER D 114 -0.19 -23.07 -12.22
CA SER D 114 -1.30 -23.82 -12.79
C SER D 114 -1.11 -23.95 -14.30
N PHE D 115 -0.73 -22.83 -14.98
CA PHE D 115 -0.49 -22.76 -16.41
C PHE D 115 0.42 -23.90 -16.89
N VAL D 116 1.63 -24.00 -16.34
CA VAL D 116 2.64 -25.02 -16.61
C VAL D 116 2.12 -26.47 -16.36
N GLN D 117 1.31 -26.69 -15.30
CA GLN D 117 0.73 -28.00 -14.96
C GLN D 117 -0.21 -28.45 -16.09
N TRP D 118 -1.02 -27.48 -16.61
CA TRP D 118 -1.99 -27.59 -17.70
C TRP D 118 -1.27 -27.69 -19.04
N LEU D 119 -0.04 -27.12 -19.15
CA LEU D 119 0.80 -27.17 -20.37
C LEU D 119 1.42 -28.56 -20.57
N GLY D 120 1.03 -29.51 -19.70
CA GLY D 120 1.48 -30.89 -19.71
C GLY D 120 0.34 -31.87 -19.87
N CYS D 121 -0.87 -31.34 -20.27
CA CYS D 121 -2.14 -32.04 -20.53
C CYS D 121 -3.23 -31.05 -20.97
N ARG D 140 -7.50 -8.86 -13.95
CA ARG D 140 -6.34 -8.79 -13.05
C ARG D 140 -5.55 -7.49 -13.26
N GLY D 141 -5.04 -6.91 -12.17
CA GLY D 141 -4.27 -5.68 -12.19
C GLY D 141 -5.06 -4.41 -12.50
N GLY D 142 -6.36 -4.58 -12.81
CA GLY D 142 -7.28 -3.49 -13.10
C GLY D 142 -7.11 -2.76 -14.42
N LEU D 143 -7.62 -1.51 -14.47
CA LEU D 143 -7.60 -0.63 -15.64
C LEU D 143 -6.21 -0.21 -15.99
N ALA D 144 -5.36 0.18 -15.00
CA ALA D 144 -3.99 0.56 -15.33
C ALA D 144 -3.27 -0.63 -15.93
N GLY D 145 -3.63 -1.82 -15.44
CA GLY D 145 -3.13 -3.10 -15.94
C GLY D 145 -3.51 -3.29 -17.39
N GLU D 146 -4.76 -2.96 -17.75
CA GLU D 146 -5.25 -3.04 -19.12
C GLU D 146 -4.50 -2.11 -20.11
N PHE D 147 -4.25 -0.83 -19.77
CA PHE D 147 -3.49 0.07 -20.65
C PHE D 147 -2.00 -0.33 -20.74
N GLN D 148 -1.41 -0.83 -19.63
CA GLN D 148 0.00 -1.27 -19.54
C GLN D 148 0.22 -2.54 -20.36
N ARG D 149 -0.86 -3.28 -20.64
CA ARG D 149 -0.89 -4.52 -21.42
C ARG D 149 -0.83 -4.19 -22.93
N LEU D 150 -1.21 -2.94 -23.33
CA LEU D 150 -1.24 -2.50 -24.74
C LEU D 150 -0.01 -1.70 -25.19
N LEU D 151 0.83 -1.27 -24.25
CA LEU D 151 2.04 -0.50 -24.56
C LEU D 151 3.20 -1.41 -25.08
N PRO D 152 4.05 -0.93 -26.03
CA PRO D 152 5.13 -1.80 -26.57
C PRO D 152 6.30 -2.08 -25.61
#